data_3A9Z
#
_entry.id   3A9Z
#
_cell.length_a   55.416
_cell.length_b   101.206
_cell.length_c   197.356
_cell.angle_alpha   90.00
_cell.angle_beta   90.00
_cell.angle_gamma   90.00
#
_symmetry.space_group_name_H-M   'P 21 21 21'
#
loop_
_entity.id
_entity.type
_entity.pdbx_description
1 polymer 'Selenocysteine lyase'
2 non-polymer "PYRIDOXAL-5'-PHOSPHATE"
3 non-polymer '3-selanylpropanoic acid'
4 non-polymer 'PHOSPHATE ION'
5 water water
#
_entity_poly.entity_id   1
_entity_poly.type   'polypeptide(L)'
_entity_poly.pdbx_seq_one_letter_code
;MDVARNGARGSVESPPNRKVYMDYNATTPLEPEVIQAVTEAMKEAWGNPSSSYVAGRKAKDIINTARASLAKMIGGKPQD
IIFTSGGTESNNLVIHSTVRCFHEQQTLQGRTVDQISPEEGTRPHFITCTVEHDSIRLPLEHLVEDQVAEVTFVPVSKVN
GQVEVEDILAAVRPTTCLVTIMLANNETGVIMPISEISRRIKALNQIRAASGLPRVLVHTDAAQALGKRRVDVEDLGVDF
LTIVGHKFYGPRIGALYVRGVGKLTPLYPMLFGGGQERNFRPGTENTPMIAGLGKAADLVSENCETYEAHMRDIRDYLEE
RLEAEFGKRIHLNSRFPGVERLPNTCNFSIQGSQLRGYMVLAQCQTLLASVGASCHSDHEDRPSPVLLSCGIPVDVARNA
VRLSVGRSTTRAEVDLIVQDLKQAVNQLEGPV
;
_entity_poly.pdbx_strand_id   A,B
#
loop_
_chem_comp.id
_chem_comp.type
_chem_comp.name
_chem_comp.formula
PLP non-polymer PYRIDOXAL-5'-PHOSPHATE 'C8 H10 N O6 P'
PO4 non-polymer 'PHOSPHATE ION' 'O4 P -3'
SLP non-polymer '3-selanylpropanoic acid' 'C3 H6 O2 Se'
#
# COMPACT_ATOMS: atom_id res chain seq x y z
N ARG A 18 -4.24 -33.40 -5.82
CA ARG A 18 -5.16 -33.71 -6.94
C ARG A 18 -5.13 -32.57 -7.97
N LYS A 19 -5.20 -31.29 -7.61
CA LYS A 19 -5.17 -30.33 -8.74
C LYS A 19 -3.74 -30.09 -9.22
N VAL A 20 -3.56 -29.59 -10.43
CA VAL A 20 -2.24 -29.27 -10.93
C VAL A 20 -2.31 -27.75 -11.24
N TYR A 21 -1.52 -26.93 -10.50
CA TYR A 21 -1.54 -25.49 -10.74
C TYR A 21 -0.60 -25.13 -11.89
N MET A 22 -1.16 -24.42 -12.85
CA MET A 22 -0.40 -23.88 -13.93
C MET A 22 -0.88 -22.43 -14.21
N ASP A 23 -0.89 -21.60 -13.13
CA ASP A 23 -1.31 -20.21 -13.29
C ASP A 23 -0.35 -19.36 -12.49
N TYR A 24 0.91 -19.72 -12.57
CA TYR A 24 1.93 -18.97 -11.80
C TYR A 24 2.07 -17.52 -12.26
N ASN A 25 1.70 -17.18 -13.48
CA ASN A 25 1.74 -15.75 -13.89
C ASN A 25 0.62 -15.00 -13.19
N ALA A 26 -0.38 -15.68 -12.63
CA ALA A 26 -1.43 -14.91 -11.90
C ALA A 26 -1.01 -14.61 -10.48
N THR A 27 -0.44 -15.61 -9.83
CA THR A 27 0.13 -15.47 -8.54
C THR A 27 0.91 -16.74 -8.23
N THR A 28 1.80 -16.66 -7.28
CA THR A 28 2.65 -17.78 -6.86
C THR A 28 2.46 -18.04 -5.40
N PRO A 29 2.61 -19.30 -4.98
CA PRO A 29 2.48 -19.58 -3.55
C PRO A 29 3.80 -19.00 -2.91
N LEU A 30 3.79 -18.89 -1.58
CA LEU A 30 5.02 -18.45 -0.91
C LEU A 30 5.96 -19.60 -0.67
N GLU A 31 7.24 -19.38 -0.89
CA GLU A 31 8.24 -20.38 -0.58
C GLU A 31 8.24 -20.55 0.96
N PRO A 32 8.51 -21.77 1.50
CA PRO A 32 8.51 -21.93 2.94
C PRO A 32 9.42 -20.95 3.69
N GLU A 33 10.55 -20.64 3.09
CA GLU A 33 11.46 -19.73 3.77
C GLU A 33 10.91 -18.33 3.86
N VAL A 34 10.08 -17.97 2.88
CA VAL A 34 9.48 -16.64 2.87
C VAL A 34 8.47 -16.62 4.00
N ILE A 35 7.61 -17.65 4.09
CA ILE A 35 6.64 -17.74 5.13
C ILE A 35 7.35 -17.65 6.49
N GLN A 36 8.46 -18.35 6.66
CA GLN A 36 9.17 -18.31 7.92
C GLN A 36 9.65 -16.89 8.18
N ALA A 37 10.19 -16.26 7.17
CA ALA A 37 10.64 -14.88 7.38
C ALA A 37 9.56 -13.93 7.82
N VAL A 38 8.37 -14.02 7.21
CA VAL A 38 7.25 -13.14 7.59
C VAL A 38 6.86 -13.46 9.02
N THR A 39 6.76 -14.75 9.32
CA THR A 39 6.33 -15.16 10.69
C THR A 39 7.33 -14.70 11.76
N GLU A 40 8.62 -14.92 11.59
CA GLU A 40 9.53 -14.43 12.60
C GLU A 40 9.50 -12.95 12.77
N ALA A 41 9.42 -12.23 11.66
CA ALA A 41 9.37 -10.77 11.71
C ALA A 41 8.13 -10.32 12.46
N MET A 42 6.98 -10.97 12.20
CA MET A 42 5.78 -10.58 12.96
C MET A 42 5.98 -10.73 14.47
N LYS A 43 6.66 -11.79 14.87
CA LYS A 43 6.84 -12.02 16.30
C LYS A 43 7.90 -11.30 16.97
N GLU A 44 8.99 -11.18 16.27
CA GLU A 44 10.23 -10.63 16.84
C GLU A 44 10.66 -9.22 16.48
N ALA A 45 10.08 -8.69 15.42
CA ALA A 45 10.49 -7.40 14.93
C ALA A 45 9.30 -6.53 14.67
N TRP A 46 8.45 -6.45 15.70
CA TRP A 46 7.19 -5.74 15.58
C TRP A 46 7.21 -4.25 15.91
N GLY A 47 8.38 -3.80 16.40
CA GLY A 47 8.54 -2.41 16.81
C GLY A 47 8.40 -1.42 15.64
N ASN A 48 8.02 -0.18 16.00
CA ASN A 48 7.87 0.81 14.92
C ASN A 48 9.31 1.11 14.39
N PRO A 49 9.56 0.94 13.04
CA PRO A 49 10.94 1.23 12.60
C PRO A 49 11.47 2.64 12.80
N SER A 50 10.54 3.57 12.95
CA SER A 50 10.94 4.92 13.26
C SER A 50 11.30 5.16 14.73
N SER A 51 11.06 4.19 15.65
CA SER A 51 11.30 4.37 17.09
C SER A 51 12.79 4.28 17.44
N SER A 52 13.10 5.13 18.40
CA SER A 52 14.42 5.41 19.01
C SER A 52 14.67 4.56 20.22
N TYR A 53 14.70 3.27 20.04
CA TYR A 53 15.00 2.34 21.11
C TYR A 53 15.20 1.10 20.29
N VAL A 54 15.76 0.10 20.97
CA VAL A 54 16.19 -1.11 20.33
C VAL A 54 15.06 -1.90 19.54
N ALA A 55 13.83 -1.94 20.02
CA ALA A 55 12.62 -2.55 19.37
C ALA A 55 12.49 -1.93 17.94
N GLY A 56 12.54 -0.60 17.83
CA GLY A 56 12.41 0.05 16.51
C GLY A 56 13.67 -0.11 15.60
N ARG A 57 14.88 -0.14 16.16
CA ARG A 57 16.09 -0.34 15.37
C ARG A 57 16.16 -1.76 14.82
N LYS A 58 15.77 -2.77 15.60
CA LYS A 58 15.78 -4.16 14.97
C LYS A 58 14.87 -4.32 13.71
N ALA A 59 13.67 -3.74 13.72
CA ALA A 59 12.84 -3.87 12.50
C ALA A 59 13.56 -3.10 11.40
N LYS A 60 14.11 -1.90 11.72
CA LYS A 60 14.77 -1.12 10.66
C LYS A 60 15.91 -1.95 10.04
N ASP A 61 16.61 -2.72 10.84
CA ASP A 61 17.63 -3.58 10.30
C ASP A 61 17.13 -4.70 9.30
N ILE A 62 15.99 -5.35 9.59
CA ILE A 62 15.36 -6.32 8.66
C ILE A 62 15.04 -5.57 7.38
N ILE A 63 14.51 -4.35 7.54
CA ILE A 63 14.18 -3.53 6.40
C ILE A 63 15.41 -3.21 5.56
N ASN A 64 16.51 -2.81 6.20
CA ASN A 64 17.75 -2.53 5.49
C ASN A 64 18.27 -3.76 4.75
N THR A 65 18.24 -4.93 5.43
CA THR A 65 18.75 -6.15 4.78
C THR A 65 17.88 -6.49 3.56
N ALA A 66 16.56 -6.35 3.71
CA ALA A 66 15.70 -6.64 2.58
C ALA A 66 15.98 -5.69 1.41
N ARG A 67 16.26 -4.43 1.71
CA ARG A 67 16.49 -3.50 0.65
C ARG A 67 17.71 -3.90 -0.14
N ALA A 68 18.75 -4.38 0.56
CA ALA A 68 19.95 -4.84 -0.12
C ALA A 68 19.62 -6.14 -0.90
N SER A 69 18.73 -6.95 -0.38
CA SER A 69 18.36 -8.18 -1.09
C SER A 69 17.70 -7.81 -2.39
N LEU A 70 16.79 -6.83 -2.37
CA LEU A 70 16.15 -6.49 -3.64
C LEU A 70 17.12 -5.89 -4.63
N ALA A 71 18.01 -5.04 -4.13
CA ALA A 71 18.98 -4.47 -5.01
C ALA A 71 19.90 -5.56 -5.66
N LYS A 72 20.33 -6.53 -4.86
CA LYS A 72 21.21 -7.55 -5.39
C LYS A 72 20.46 -8.34 -6.49
N MET A 73 19.21 -8.70 -6.22
CA MET A 73 18.42 -9.44 -7.21
C MET A 73 18.41 -8.76 -8.58
N ILE A 74 18.39 -7.40 -8.63
CA ILE A 74 18.36 -6.71 -9.91
C ILE A 74 19.62 -6.04 -10.38
N GLY A 75 20.73 -6.23 -9.65
CA GLY A 75 21.99 -5.66 -10.08
C GLY A 75 22.12 -4.19 -9.74
N GLY A 76 21.33 -3.73 -8.77
CA GLY A 76 21.34 -2.33 -8.38
C GLY A 76 21.93 -2.08 -7.01
N LYS A 77 21.70 -0.88 -6.47
CA LYS A 77 22.25 -0.57 -5.14
C LYS A 77 21.09 -0.40 -4.19
N PRO A 78 21.28 -0.71 -2.89
CA PRO A 78 20.18 -0.59 -1.90
C PRO A 78 19.48 0.76 -1.90
N GLN A 79 20.25 1.86 -2.00
CA GLN A 79 19.63 3.17 -1.95
C GLN A 79 18.68 3.47 -3.10
N ASP A 80 18.73 2.64 -4.13
CA ASP A 80 17.88 2.86 -5.24
C ASP A 80 16.55 2.05 -5.24
N ILE A 81 16.26 1.46 -4.09
CA ILE A 81 15.05 0.66 -3.88
C ILE A 81 14.09 1.36 -2.91
N ILE A 82 12.83 1.49 -3.32
CA ILE A 82 11.76 2.09 -2.55
C ILE A 82 10.67 1.04 -2.41
N PHE A 83 10.38 0.68 -1.17
CA PHE A 83 9.29 -0.28 -0.93
C PHE A 83 7.90 0.32 -1.20
N THR A 84 6.98 -0.44 -1.80
CA THR A 84 5.61 0.02 -2.05
C THR A 84 4.64 -1.10 -1.70
N SER A 85 3.35 -0.79 -1.86
CA SER A 85 2.34 -1.83 -1.54
C SER A 85 2.14 -2.92 -2.59
N GLY A 86 2.78 -2.76 -3.73
CA GLY A 86 2.61 -3.76 -4.80
C GLY A 86 2.91 -3.18 -6.15
N GLY A 87 2.76 -3.99 -7.19
CA GLY A 87 3.07 -3.53 -8.49
C GLY A 87 2.20 -2.36 -8.95
N THR A 88 0.88 -2.46 -8.67
CA THR A 88 -0.02 -1.37 -9.03
C THR A 88 0.45 -0.01 -8.49
N GLU A 89 0.85 0.03 -7.23
CA GLU A 89 1.32 1.29 -6.68
C GLU A 89 2.63 1.69 -7.37
N SER A 90 3.57 0.75 -7.50
CA SER A 90 4.82 1.14 -8.16
C SER A 90 4.56 1.72 -9.53
N ASN A 91 3.74 1.04 -10.32
CA ASN A 91 3.50 1.58 -11.65
C ASN A 91 2.82 2.95 -11.66
N ASN A 92 1.79 3.06 -10.84
CA ASN A 92 1.12 4.36 -10.75
C ASN A 92 2.09 5.41 -10.24
N LEU A 93 2.99 5.03 -9.34
CA LEU A 93 3.94 6.05 -8.81
C LEU A 93 4.90 6.61 -9.84
N VAL A 94 5.45 5.76 -10.71
CA VAL A 94 6.36 6.29 -11.70
C VAL A 94 5.62 7.25 -12.65
N ILE A 95 4.38 6.93 -13.00
CA ILE A 95 3.66 7.78 -13.94
C ILE A 95 3.40 9.12 -13.23
N HIS A 96 2.84 9.05 -12.04
CA HIS A 96 2.60 10.31 -11.26
C HIS A 96 3.87 11.14 -11.09
N SER A 97 4.96 10.51 -10.66
CA SER A 97 6.21 11.28 -10.50
C SER A 97 6.66 11.96 -11.75
N THR A 98 6.48 11.32 -12.88
CA THR A 98 6.88 11.93 -14.14
C THR A 98 6.11 13.20 -14.42
N VAL A 99 4.80 13.19 -14.18
CA VAL A 99 3.97 14.38 -14.41
C VAL A 99 4.51 15.53 -13.52
N ARG A 100 4.72 15.22 -12.24
CA ARG A 100 5.19 16.21 -11.28
C ARG A 100 6.54 16.73 -11.71
N CYS A 101 7.43 15.83 -12.14
CA CYS A 101 8.76 16.24 -12.55
C CYS A 101 8.68 17.21 -13.77
N PHE A 102 7.90 16.88 -14.78
CA PHE A 102 7.89 17.75 -15.95
C PHE A 102 7.44 19.14 -15.43
N HIS A 103 6.40 19.16 -14.66
CA HIS A 103 5.98 20.46 -14.12
C HIS A 103 7.02 21.20 -13.28
N GLU A 104 7.71 20.52 -12.38
CA GLU A 104 8.74 21.21 -11.57
C GLU A 104 9.84 21.77 -12.47
N GLN A 105 10.25 21.02 -13.49
CA GLN A 105 11.30 21.50 -14.35
C GLN A 105 10.89 22.78 -15.08
N GLN A 106 9.66 22.83 -15.62
CA GLN A 106 9.12 24.03 -16.30
C GLN A 106 9.04 25.27 -15.35
N THR A 107 8.47 25.04 -14.19
CA THR A 107 8.33 26.07 -13.16
C THR A 107 9.77 26.57 -12.91
N LEU A 108 10.70 25.63 -12.54
CA LEU A 108 12.11 26.03 -12.25
C LEU A 108 12.72 26.76 -13.44
N GLN A 109 12.25 26.46 -14.66
CA GLN A 109 12.75 27.09 -15.90
C GLN A 109 12.17 28.51 -15.60
N THR A 122 2.82 22.29 -23.15
CA THR A 122 3.05 22.36 -21.68
C THR A 122 2.83 21.01 -20.99
N ARG A 123 1.98 20.18 -21.61
CA ARG A 123 1.71 18.82 -21.09
C ARG A 123 2.83 17.85 -21.43
N PRO A 124 3.25 17.02 -20.44
CA PRO A 124 4.30 16.00 -20.67
C PRO A 124 3.73 14.89 -21.61
N HIS A 125 4.60 14.21 -22.30
CA HIS A 125 4.17 13.14 -23.18
C HIS A 125 4.85 11.84 -22.74
N PHE A 126 4.08 10.77 -22.85
CA PHE A 126 4.49 9.43 -22.47
C PHE A 126 4.39 8.55 -23.68
N ILE A 127 5.29 7.58 -23.74
CA ILE A 127 5.23 6.58 -24.81
C ILE A 127 5.09 5.21 -24.10
N THR A 128 4.13 4.40 -24.49
CA THR A 128 4.04 3.03 -23.94
C THR A 128 3.64 2.12 -25.11
N CYS A 129 3.19 0.93 -24.79
CA CYS A 129 2.76 0.02 -25.86
C CYS A 129 1.32 -0.39 -25.59
N THR A 130 0.71 -1.08 -26.54
CA THR A 130 -0.71 -1.47 -26.46
C THR A 130 -1.06 -2.77 -25.69
N VAL A 131 -0.04 -3.42 -25.07
CA VAL A 131 -0.32 -4.61 -24.33
C VAL A 131 0.14 -4.59 -22.87
N GLU A 132 0.31 -3.40 -22.34
CA GLU A 132 0.66 -3.26 -20.93
C GLU A 132 -0.42 -3.72 -19.98
N HIS A 133 0.01 -3.97 -18.75
CA HIS A 133 -0.90 -4.30 -17.65
C HIS A 133 -1.84 -3.11 -17.40
N ASP A 134 -2.99 -3.39 -16.82
CA ASP A 134 -3.98 -2.42 -16.50
C ASP A 134 -3.38 -1.27 -15.62
N SER A 135 -2.36 -1.60 -14.80
CA SER A 135 -1.79 -0.61 -13.85
C SER A 135 -0.82 0.34 -14.54
N ILE A 136 -0.59 0.13 -15.83
CA ILE A 136 0.20 1.10 -16.62
C ILE A 136 -0.79 1.73 -17.62
N ARG A 137 -1.57 0.90 -18.29
CA ARG A 137 -2.53 1.47 -19.28
C ARG A 137 -3.58 2.44 -18.72
N LEU A 138 -4.23 2.03 -17.63
CA LEU A 138 -5.28 2.83 -17.05
C LEU A 138 -4.83 4.16 -16.46
N PRO A 139 -3.71 4.20 -15.69
CA PRO A 139 -3.35 5.53 -15.21
C PRO A 139 -3.02 6.45 -16.44
N LEU A 140 -2.41 5.90 -17.47
CA LEU A 140 -2.13 6.75 -18.63
C LEU A 140 -3.41 7.23 -19.35
N GLU A 141 -4.38 6.31 -19.50
CA GLU A 141 -5.61 6.71 -20.17
C GLU A 141 -6.24 7.80 -19.30
N HIS A 142 -6.17 7.64 -17.98
CA HIS A 142 -6.80 8.66 -17.11
C HIS A 142 -6.12 9.99 -17.35
N LEU A 143 -4.79 10.04 -17.44
CA LEU A 143 -4.13 11.30 -17.74
C LEU A 143 -4.57 11.94 -19.03
N VAL A 144 -4.86 11.12 -20.04
CA VAL A 144 -5.30 11.70 -21.29
C VAL A 144 -6.72 12.22 -21.15
N GLU A 145 -7.63 11.45 -20.54
CA GLU A 145 -9.03 11.91 -20.33
C GLU A 145 -9.06 13.23 -19.52
N ASP A 146 -8.19 13.37 -18.57
CA ASP A 146 -8.19 14.58 -17.76
C ASP A 146 -7.35 15.68 -18.33
N GLN A 147 -6.87 15.49 -19.57
CA GLN A 147 -6.04 16.44 -20.28
C GLN A 147 -4.77 16.84 -19.50
N VAL A 148 -4.26 15.94 -18.63
CA VAL A 148 -3.01 16.23 -17.92
C VAL A 148 -1.72 15.86 -18.71
N ALA A 149 -1.80 14.86 -19.57
CA ALA A 149 -0.64 14.51 -20.36
C ALA A 149 -1.13 13.96 -21.69
N GLU A 150 -0.19 13.79 -22.60
CA GLU A 150 -0.52 13.17 -23.86
C GLU A 150 0.25 11.84 -23.81
N VAL A 151 -0.30 10.84 -24.46
CA VAL A 151 0.34 9.53 -24.44
C VAL A 151 0.20 8.81 -25.81
N THR A 152 1.29 8.26 -26.32
CA THR A 152 1.23 7.45 -27.54
C THR A 152 1.30 5.99 -27.09
N PHE A 153 0.25 5.25 -27.45
CA PHE A 153 0.16 3.83 -27.09
C PHE A 153 0.63 3.17 -28.41
N VAL A 154 1.94 2.89 -28.49
CA VAL A 154 2.54 2.31 -29.68
C VAL A 154 2.03 0.86 -29.91
N PRO A 155 1.51 0.55 -31.09
CA PRO A 155 1.04 -0.83 -31.27
C PRO A 155 2.18 -1.82 -31.39
N VAL A 156 2.02 -2.97 -30.75
CA VAL A 156 3.03 -3.99 -30.97
C VAL A 156 2.89 -4.53 -32.39
N SER A 157 3.92 -5.23 -32.81
CA SER A 157 3.92 -5.89 -34.11
C SER A 157 2.90 -7.01 -34.13
N LYS A 158 2.13 -7.05 -35.23
CA LYS A 158 1.16 -8.12 -35.38
C LYS A 158 1.83 -9.37 -35.95
N VAL A 159 3.14 -9.32 -36.22
CA VAL A 159 3.95 -10.46 -36.70
C VAL A 159 4.67 -11.12 -35.51
N ASN A 160 5.24 -10.30 -34.62
CA ASN A 160 5.98 -10.92 -33.54
C ASN A 160 5.53 -10.58 -32.12
N GLY A 161 4.37 -9.96 -31.95
CA GLY A 161 3.84 -9.66 -30.61
C GLY A 161 4.74 -8.77 -29.74
N GLN A 162 5.68 -8.07 -30.36
CA GLN A 162 6.64 -7.27 -29.65
C GLN A 162 6.53 -5.83 -30.05
N VAL A 163 6.73 -4.90 -29.11
CA VAL A 163 6.77 -3.53 -29.54
C VAL A 163 8.17 -3.35 -30.13
N GLU A 164 8.26 -2.59 -31.21
CA GLU A 164 9.55 -2.41 -31.84
C GLU A 164 10.28 -1.13 -31.57
N VAL A 165 11.61 -1.29 -31.40
CA VAL A 165 12.45 -0.17 -31.05
C VAL A 165 12.23 1.00 -31.98
N GLU A 166 12.24 0.80 -33.30
CA GLU A 166 12.05 1.94 -34.19
C GLU A 166 10.69 2.66 -34.05
N ASP A 167 9.64 1.91 -33.71
CA ASP A 167 8.35 2.53 -33.52
C ASP A 167 8.33 3.37 -32.25
N ILE A 168 8.99 2.91 -31.19
CA ILE A 168 9.06 3.70 -29.99
C ILE A 168 9.89 4.98 -30.32
N LEU A 169 11.02 4.78 -31.00
CA LEU A 169 11.83 6.00 -31.31
C LEU A 169 11.06 6.94 -32.19
N ALA A 170 10.31 6.41 -33.14
CA ALA A 170 9.59 7.29 -34.00
C ALA A 170 8.50 8.05 -33.29
N ALA A 171 8.07 7.56 -32.12
CA ALA A 171 7.01 8.25 -31.40
C ALA A 171 7.48 9.38 -30.45
N VAL A 172 8.79 9.59 -30.38
CA VAL A 172 9.34 10.59 -29.50
C VAL A 172 8.97 11.98 -29.96
N ARG A 173 8.56 12.77 -28.99
CA ARG A 173 8.10 14.14 -29.19
C ARG A 173 8.98 15.10 -28.43
N PRO A 174 8.84 16.40 -28.68
CA PRO A 174 9.69 17.36 -27.94
C PRO A 174 9.44 17.35 -26.46
N THR A 175 8.21 17.04 -26.05
CA THR A 175 7.80 16.99 -24.63
C THR A 175 7.74 15.56 -24.06
N THR A 176 8.27 14.61 -24.78
CA THR A 176 8.30 13.20 -24.24
C THR A 176 9.22 13.17 -23.04
N CYS A 177 8.73 12.59 -21.97
CA CYS A 177 9.65 12.50 -20.82
C CYS A 177 9.74 11.12 -20.22
N LEU A 178 8.82 10.25 -20.65
CA LEU A 178 8.93 8.86 -20.14
C LEU A 178 8.47 7.87 -21.20
N VAL A 179 9.32 6.84 -21.37
CA VAL A 179 8.96 5.65 -22.18
C VAL A 179 8.77 4.55 -21.06
N THR A 180 7.60 3.93 -20.99
CA THR A 180 7.35 2.81 -20.05
C THR A 180 6.82 1.61 -20.89
N ILE A 181 7.64 0.57 -20.87
CA ILE A 181 7.40 -0.66 -21.65
C ILE A 181 7.66 -1.88 -20.75
N MET A 182 6.71 -2.82 -20.73
CA MET A 182 6.84 -3.98 -19.88
C MET A 182 7.99 -4.86 -20.35
N LEU A 183 8.68 -5.49 -19.41
CA LEU A 183 9.83 -6.31 -19.83
C LEU A 183 9.30 -7.59 -20.45
N ALA A 184 8.25 -8.11 -19.84
CA ALA A 184 7.61 -9.34 -20.39
C ALA A 184 6.11 -9.20 -20.39
N ASN A 185 5.43 -9.69 -21.43
CA ASN A 185 3.97 -9.62 -21.42
C ASN A 185 3.40 -10.80 -20.62
N ASN A 186 2.42 -10.52 -19.78
CA ASN A 186 1.86 -11.54 -18.89
C ASN A 186 1.00 -12.59 -19.61
N GLU A 187 0.41 -12.24 -20.74
CA GLU A 187 -0.44 -13.18 -21.45
C GLU A 187 0.33 -14.04 -22.42
N THR A 188 1.21 -13.47 -23.20
CA THR A 188 1.95 -14.25 -24.18
C THR A 188 3.33 -14.73 -23.71
N GLY A 189 3.94 -13.97 -22.77
CA GLY A 189 5.30 -14.25 -22.31
C GLY A 189 6.34 -13.59 -23.21
N VAL A 190 5.95 -12.85 -24.24
CA VAL A 190 6.94 -12.20 -25.08
C VAL A 190 7.79 -11.15 -24.32
N ILE A 191 9.12 -11.20 -24.52
CA ILE A 191 10.06 -10.26 -23.93
C ILE A 191 10.20 -9.02 -24.83
N MET A 192 10.02 -7.82 -24.24
CA MET A 192 10.21 -6.58 -25.01
C MET A 192 11.70 -6.19 -25.00
N PRO A 193 12.15 -5.53 -26.07
CA PRO A 193 13.58 -5.13 -26.24
C PRO A 193 14.00 -3.95 -25.39
N ILE A 194 13.82 -4.13 -24.11
CA ILE A 194 14.14 -3.07 -23.17
C ILE A 194 15.58 -2.54 -23.25
N SER A 195 16.57 -3.43 -23.35
CA SER A 195 17.96 -2.98 -23.36
C SER A 195 18.21 -2.08 -24.57
N GLU A 196 17.73 -2.49 -25.75
CA GLU A 196 17.94 -1.71 -26.95
C GLU A 196 17.15 -0.36 -26.88
N ILE A 197 15.95 -0.40 -26.31
CA ILE A 197 15.17 0.81 -26.17
C ILE A 197 16.04 1.75 -25.32
N SER A 198 16.56 1.28 -24.20
CA SER A 198 17.34 2.19 -23.35
C SER A 198 18.58 2.73 -24.03
N ARG A 199 19.22 1.89 -24.82
CA ARG A 199 20.48 2.30 -25.49
C ARG A 199 20.12 3.37 -26.54
N ARG A 200 19.03 3.15 -27.25
CA ARG A 200 18.68 4.12 -28.28
C ARG A 200 18.22 5.42 -27.66
N ILE A 201 17.54 5.32 -26.53
CA ILE A 201 17.07 6.56 -25.88
C ILE A 201 18.26 7.29 -25.28
N LYS A 202 19.25 6.54 -24.78
CA LYS A 202 20.50 7.20 -24.23
C LYS A 202 21.20 8.02 -25.34
N ALA A 203 21.30 7.45 -26.51
CA ALA A 203 21.93 8.21 -27.62
C ALA A 203 21.05 9.42 -28.01
N LEU A 204 19.73 9.23 -28.08
CA LEU A 204 18.83 10.31 -28.41
C LEU A 204 18.92 11.46 -27.37
N ASN A 205 19.03 11.11 -26.08
CA ASN A 205 19.10 12.13 -25.02
C ASN A 205 20.32 13.05 -25.20
N GLN A 206 21.42 12.56 -25.78
CA GLN A 206 22.56 13.46 -25.97
C GLN A 206 22.20 14.49 -26.99
N ILE A 207 21.44 14.08 -28.01
CA ILE A 207 21.00 15.03 -29.05
C ILE A 207 19.97 16.01 -28.48
N ARG A 208 19.03 15.53 -27.66
CA ARG A 208 18.07 16.45 -27.04
C ARG A 208 18.80 17.48 -26.13
N ALA A 209 19.85 17.07 -25.38
CA ALA A 209 20.54 17.99 -24.46
C ALA A 209 21.17 19.17 -25.26
N ALA A 210 21.71 18.78 -26.43
CA ALA A 210 22.46 19.71 -27.32
C ALA A 210 21.46 20.79 -27.69
N SER A 211 20.20 20.39 -27.90
CA SER A 211 19.27 21.45 -28.20
C SER A 211 18.44 21.97 -27.01
N GLY A 212 18.73 21.45 -25.83
CA GLY A 212 18.01 21.90 -24.63
C GLY A 212 16.72 21.17 -24.27
N LEU A 213 16.36 20.12 -25.00
CA LEU A 213 15.11 19.32 -24.75
C LEU A 213 15.18 18.45 -23.49
N PRO A 214 14.02 18.13 -22.88
CA PRO A 214 14.15 17.30 -21.67
C PRO A 214 14.61 15.96 -21.99
N ARG A 215 15.28 15.32 -21.06
CA ARG A 215 15.71 13.95 -21.28
C ARG A 215 14.47 13.07 -21.10
N VAL A 216 14.50 12.01 -21.87
CA VAL A 216 13.44 10.99 -21.83
C VAL A 216 13.93 9.92 -20.91
N LEU A 217 13.15 9.60 -19.88
CA LEU A 217 13.54 8.52 -18.96
C LEU A 217 12.83 7.25 -19.41
N VAL A 218 13.35 6.13 -18.94
CA VAL A 218 12.80 4.81 -19.33
C VAL A 218 12.43 4.00 -18.10
N HIS A 219 11.18 3.52 -18.08
CA HIS A 219 10.74 2.60 -17.00
C HIS A 219 10.31 1.26 -17.62
N THR A 220 10.59 0.16 -16.89
CA THR A 220 10.04 -1.11 -17.34
C THR A 220 9.28 -1.80 -16.20
N ASP A 221 8.06 -2.23 -16.50
CA ASP A 221 7.26 -3.02 -15.54
C ASP A 221 7.85 -4.47 -15.69
N ALA A 222 8.67 -4.90 -14.75
CA ALA A 222 9.33 -6.21 -14.78
C ALA A 222 8.62 -7.25 -13.98
N ALA A 223 7.34 -7.02 -13.71
CA ALA A 223 6.57 -7.94 -12.91
C ALA A 223 6.71 -9.42 -13.27
N GLN A 224 6.59 -9.73 -14.56
CA GLN A 224 6.58 -11.12 -14.99
C GLN A 224 7.92 -11.65 -15.28
N ALA A 225 8.99 -10.85 -15.21
CA ALA A 225 10.32 -11.41 -15.49
C ALA A 225 11.05 -11.85 -14.26
N LEU A 226 10.80 -11.24 -13.10
CA LEU A 226 11.62 -11.57 -11.96
C LEU A 226 11.44 -13.02 -11.50
N GLY A 227 12.61 -13.68 -11.28
CA GLY A 227 12.58 -15.06 -10.84
C GLY A 227 12.45 -15.98 -12.06
N LYS A 228 12.25 -15.44 -13.26
CA LYS A 228 12.09 -16.33 -14.43
C LYS A 228 13.23 -16.06 -15.45
N ARG A 229 13.95 -14.97 -15.30
CA ARG A 229 15.06 -14.73 -16.18
C ARG A 229 15.84 -13.69 -15.46
N ARG A 230 17.14 -13.65 -15.76
CA ARG A 230 17.97 -12.64 -15.09
C ARG A 230 17.49 -11.26 -15.42
N VAL A 231 17.41 -10.42 -14.39
CA VAL A 231 17.01 -9.02 -14.60
C VAL A 231 18.17 -8.21 -13.98
N ASP A 232 18.80 -7.37 -14.81
CA ASP A 232 19.97 -6.59 -14.36
C ASP A 232 19.76 -5.20 -14.91
N VAL A 233 19.58 -4.23 -13.98
CA VAL A 233 19.38 -2.84 -14.41
C VAL A 233 20.51 -2.18 -15.21
N GLU A 234 21.77 -2.60 -15.03
CA GLU A 234 22.85 -2.08 -15.87
C GLU A 234 22.70 -2.63 -17.28
N ASP A 235 22.32 -3.92 -17.44
CA ASP A 235 22.08 -4.47 -18.80
C ASP A 235 20.82 -3.77 -19.42
N LEU A 236 19.78 -3.62 -18.60
CA LEU A 236 18.57 -3.07 -19.13
C LEU A 236 18.61 -1.56 -19.43
N GLY A 237 19.46 -0.84 -18.70
CA GLY A 237 19.68 0.59 -18.86
C GLY A 237 18.55 1.49 -18.45
N VAL A 238 17.62 0.93 -17.72
CA VAL A 238 16.46 1.70 -17.32
C VAL A 238 16.66 2.66 -16.15
N ASP A 239 15.80 3.65 -16.07
CA ASP A 239 15.84 4.58 -14.96
C ASP A 239 14.89 4.12 -13.80
N PHE A 240 13.85 3.37 -14.15
CA PHE A 240 12.87 2.87 -13.16
C PHE A 240 12.51 1.39 -13.49
N LEU A 241 12.18 0.65 -12.46
CA LEU A 241 11.81 -0.74 -12.72
C LEU A 241 10.84 -1.17 -11.60
N THR A 242 9.70 -1.74 -11.98
CA THR A 242 8.71 -2.21 -11.03
C THR A 242 8.99 -3.66 -10.60
N ILE A 243 8.91 -3.92 -9.30
CA ILE A 243 9.13 -5.23 -8.69
C ILE A 243 7.84 -5.70 -8.01
N VAL A 244 7.34 -6.91 -8.33
CA VAL A 244 6.09 -7.40 -7.77
C VAL A 244 6.30 -8.71 -7.04
N GLY A 245 6.27 -8.65 -5.74
CA GLY A 245 6.54 -9.85 -4.95
C GLY A 245 5.78 -11.12 -5.20
N HIS A 246 4.49 -10.99 -5.43
CA HIS A 246 3.70 -12.19 -5.56
C HIS A 246 3.87 -12.93 -6.87
N LYS A 247 4.76 -12.45 -7.72
CA LYS A 247 5.05 -13.14 -8.99
C LYS A 247 6.31 -13.95 -8.78
N PHE A 248 7.01 -13.73 -7.67
CA PHE A 248 8.24 -14.55 -7.43
C PHE A 248 8.27 -15.22 -6.08
N TYR A 249 7.10 -15.74 -5.70
CA TYR A 249 6.96 -16.50 -4.51
C TYR A 249 7.21 -15.68 -3.25
N GLY A 250 6.88 -14.41 -3.38
CA GLY A 250 7.00 -13.53 -2.24
C GLY A 250 5.62 -12.98 -1.86
N PRO A 251 5.56 -12.15 -0.81
CA PRO A 251 4.31 -11.56 -0.35
C PRO A 251 3.78 -10.54 -1.34
N ARG A 252 2.54 -10.16 -1.08
CA ARG A 252 1.77 -9.28 -1.90
C ARG A 252 2.15 -7.78 -1.75
N ILE A 253 3.44 -7.50 -1.68
CA ILE A 253 3.90 -6.10 -1.67
C ILE A 253 4.92 -5.97 -2.80
N GLY A 254 5.56 -4.82 -2.96
CA GLY A 254 6.49 -4.70 -4.08
C GLY A 254 7.51 -3.57 -3.84
N ALA A 255 8.11 -3.09 -4.94
CA ALA A 255 9.08 -2.03 -4.78
C ALA A 255 9.23 -1.38 -6.12
N LEU A 256 9.95 -0.23 -6.12
CA LEU A 256 10.23 0.48 -7.32
C LEU A 256 11.73 0.77 -7.27
N TYR A 257 12.43 0.39 -8.35
CA TYR A 257 13.86 0.74 -8.49
C TYR A 257 13.90 2.12 -9.20
N VAL A 258 14.65 3.02 -8.61
CA VAL A 258 14.85 4.37 -9.17
C VAL A 258 16.35 4.56 -9.24
N ARG A 259 16.89 4.72 -10.44
CA ARG A 259 18.35 4.85 -10.59
C ARG A 259 18.94 6.10 -9.96
N GLY A 260 19.83 5.90 -9.02
CA GLY A 260 20.51 7.05 -8.43
C GLY A 260 19.49 8.00 -7.87
N VAL A 261 18.46 7.51 -7.17
CA VAL A 261 17.40 8.40 -6.70
C VAL A 261 17.92 9.58 -5.91
N GLY A 262 17.44 10.79 -6.24
CA GLY A 262 17.99 12.00 -5.57
C GLY A 262 19.32 12.55 -6.16
N LYS A 263 19.97 11.86 -7.10
CA LYS A 263 21.25 12.22 -7.67
C LYS A 263 21.22 12.20 -9.21
N LEU A 264 20.56 11.21 -9.83
CA LEU A 264 20.45 11.10 -11.29
C LEU A 264 19.00 11.05 -11.71
N THR A 265 18.14 10.61 -10.79
CA THR A 265 16.72 10.51 -11.13
C THR A 265 15.82 11.03 -10.03
N PRO A 266 14.84 11.86 -10.36
CA PRO A 266 13.93 12.37 -9.32
C PRO A 266 12.79 11.36 -9.07
N LEU A 267 12.22 11.41 -7.87
CA LEU A 267 11.04 10.62 -7.54
C LEU A 267 10.20 11.55 -6.66
N TYR A 268 9.05 11.97 -7.22
CA TYR A 268 8.07 12.84 -6.55
C TYR A 268 6.98 11.91 -5.97
N PRO A 269 6.77 11.94 -4.68
CA PRO A 269 5.77 11.05 -4.06
C PRO A 269 4.31 11.30 -4.40
N MET A 270 3.53 10.23 -4.25
CA MET A 270 2.06 10.28 -4.41
C MET A 270 1.51 10.48 -3.01
N LEU A 271 2.20 9.98 -1.99
CA LEU A 271 1.71 10.05 -0.61
C LEU A 271 2.53 11.00 0.23
N PHE A 272 1.83 11.60 1.19
CA PHE A 272 2.47 12.53 2.12
C PHE A 272 2.19 12.08 3.54
N GLY A 273 3.21 12.17 4.38
CA GLY A 273 3.06 11.74 5.75
C GLY A 273 4.38 11.74 6.55
N GLY A 274 4.55 10.73 7.36
CA GLY A 274 5.63 10.60 8.35
C GLY A 274 7.08 10.45 7.98
N GLY A 275 7.51 10.70 6.74
CA GLY A 275 8.94 10.58 6.39
C GLY A 275 9.57 9.21 6.06
N GLN A 276 8.79 8.16 6.16
CA GLN A 276 9.39 6.85 5.83
C GLN A 276 9.74 6.78 4.31
N GLU A 277 10.65 5.85 4.00
CA GLU A 277 11.18 5.65 2.68
C GLU A 277 11.71 7.00 2.12
N ARG A 278 12.42 7.71 3.02
CA ARG A 278 13.03 9.02 2.70
C ARG A 278 11.97 10.01 2.15
N ASN A 279 10.74 9.86 2.61
CA ASN A 279 9.58 10.63 2.14
C ASN A 279 9.12 10.35 0.71
N PHE A 280 9.75 9.37 0.06
CA PHE A 280 9.26 8.99 -1.27
C PHE A 280 8.01 8.12 -1.14
N ARG A 281 7.88 7.48 0.01
CA ARG A 281 6.69 6.60 0.24
C ARG A 281 6.47 6.50 1.78
N PRO A 282 5.83 7.52 2.36
CA PRO A 282 5.60 7.53 3.78
C PRO A 282 4.60 6.48 4.27
N GLY A 283 4.58 6.27 5.58
CA GLY A 283 3.71 5.33 6.28
C GLY A 283 4.56 4.29 6.99
N THR A 284 4.15 3.92 8.19
CA THR A 284 4.91 2.95 8.98
C THR A 284 5.14 1.72 8.12
N GLU A 285 6.40 1.30 8.05
CA GLU A 285 6.86 0.19 7.20
C GLU A 285 6.26 -1.14 7.63
N ASN A 286 5.82 -1.91 6.63
CA ASN A 286 5.25 -3.24 6.95
C ASN A 286 6.43 -4.22 7.03
N THR A 287 7.05 -4.28 8.20
CA THR A 287 8.26 -5.10 8.35
C THR A 287 8.09 -6.57 7.96
N PRO A 288 7.00 -7.22 8.41
CA PRO A 288 6.90 -8.62 7.99
C PRO A 288 6.84 -8.86 6.49
N MET A 289 6.12 -7.99 5.78
CA MET A 289 5.99 -8.14 4.36
C MET A 289 7.37 -7.85 3.73
N ILE A 290 8.05 -6.83 4.28
CA ILE A 290 9.35 -6.50 3.70
C ILE A 290 10.31 -7.67 3.90
N ALA A 291 10.24 -8.29 5.07
CA ALA A 291 11.13 -9.45 5.37
C ALA A 291 10.86 -10.57 4.37
N GLY A 292 9.60 -10.80 4.13
CA GLY A 292 9.26 -11.84 3.15
C GLY A 292 9.73 -11.54 1.74
N LEU A 293 9.60 -10.27 1.38
CA LEU A 293 10.02 -9.83 0.05
C LEU A 293 11.51 -9.97 -0.10
N GLY A 294 12.22 -9.60 0.94
CA GLY A 294 13.67 -9.78 0.88
C GLY A 294 14.14 -11.22 0.77
N LYS A 295 13.49 -12.11 1.49
CA LYS A 295 13.87 -13.49 1.43
C LYS A 295 13.52 -14.02 0.03
N ALA A 296 12.38 -13.58 -0.54
CA ALA A 296 12.01 -14.05 -1.87
C ALA A 296 13.05 -13.59 -2.89
N ALA A 297 13.61 -12.41 -2.71
CA ALA A 297 14.58 -11.87 -3.61
C ALA A 297 15.88 -12.63 -3.47
N ASP A 298 16.20 -13.05 -2.24
CA ASP A 298 17.45 -13.77 -2.04
C ASP A 298 17.37 -15.10 -2.80
N LEU A 299 16.18 -15.72 -2.81
CA LEU A 299 16.08 -17.00 -3.50
C LEU A 299 16.24 -16.78 -5.01
N VAL A 300 15.70 -15.69 -5.55
CA VAL A 300 15.88 -15.40 -6.92
C VAL A 300 17.38 -15.17 -7.18
N SER A 301 18.03 -14.38 -6.34
CA SER A 301 19.44 -14.14 -6.56
C SER A 301 20.25 -15.41 -6.54
N GLU A 302 19.97 -16.29 -5.62
CA GLU A 302 20.73 -17.50 -5.59
C GLU A 302 20.37 -18.61 -6.59
N ASN A 303 19.12 -18.62 -7.06
CA ASN A 303 18.67 -19.78 -7.86
C ASN A 303 17.96 -19.44 -9.15
N CYS A 304 18.02 -18.19 -9.62
CA CYS A 304 17.24 -17.88 -10.79
C CYS A 304 17.52 -18.78 -12.01
N GLU A 305 18.80 -19.09 -12.22
CA GLU A 305 19.12 -19.91 -13.39
C GLU A 305 18.52 -21.32 -13.37
N THR A 306 18.41 -21.86 -12.18
CA THR A 306 17.79 -23.16 -11.97
C THR A 306 16.31 -23.01 -12.18
N TYR A 307 15.69 -21.94 -11.68
CA TYR A 307 14.27 -21.83 -11.89
C TYR A 307 13.96 -21.68 -13.35
N GLU A 308 14.71 -20.84 -14.02
CA GLU A 308 14.52 -20.59 -15.44
C GLU A 308 14.66 -21.87 -16.27
N ALA A 309 15.73 -22.60 -16.03
CA ALA A 309 15.95 -23.79 -16.88
C ALA A 309 14.91 -24.82 -16.58
N HIS A 310 14.50 -24.92 -15.34
CA HIS A 310 13.45 -25.90 -14.99
C HIS A 310 12.17 -25.50 -15.69
N MET A 311 11.81 -24.22 -15.62
CA MET A 311 10.59 -23.80 -16.27
C MET A 311 10.59 -24.07 -17.76
N ARG A 312 11.72 -23.77 -18.41
CA ARG A 312 11.81 -23.95 -19.85
C ARG A 312 11.65 -25.44 -20.21
N ASP A 313 12.31 -26.33 -19.46
CA ASP A 313 12.15 -27.77 -19.83
C ASP A 313 10.71 -28.20 -19.74
N ILE A 314 10.05 -27.77 -18.69
CA ILE A 314 8.67 -28.20 -18.43
C ILE A 314 7.75 -27.61 -19.46
N ARG A 315 7.92 -26.31 -19.75
CA ARG A 315 7.06 -25.71 -20.75
C ARG A 315 7.28 -26.27 -22.16
N ASP A 316 8.51 -26.57 -22.52
CA ASP A 316 8.78 -27.11 -23.84
C ASP A 316 8.21 -28.55 -23.86
N TYR A 317 8.35 -29.30 -22.76
CA TYR A 317 7.72 -30.64 -22.79
C TYR A 317 6.20 -30.48 -22.98
N LEU A 318 5.57 -29.51 -22.28
CA LEU A 318 4.16 -29.24 -22.40
C LEU A 318 3.74 -28.94 -23.84
N GLU A 319 4.50 -28.11 -24.57
CA GLU A 319 4.13 -27.79 -25.93
C GLU A 319 4.28 -29.06 -26.76
N GLU A 320 5.36 -29.80 -26.55
CA GLU A 320 5.48 -31.10 -27.29
C GLU A 320 4.26 -31.99 -27.05
N ARG A 321 3.84 -32.12 -25.82
CA ARG A 321 2.75 -33.01 -25.52
C ARG A 321 1.41 -32.50 -26.08
N LEU A 322 1.17 -31.19 -26.00
CA LEU A 322 -0.05 -30.62 -26.53
C LEU A 322 -0.10 -30.90 -28.06
N GLU A 323 1.02 -30.70 -28.78
CA GLU A 323 1.01 -30.96 -30.18
C GLU A 323 0.85 -32.43 -30.50
N ALA A 324 1.43 -33.28 -29.65
CA ALA A 324 1.32 -34.72 -29.87
C ALA A 324 -0.16 -35.16 -29.73
N GLU A 325 -0.91 -34.58 -28.79
CA GLU A 325 -2.29 -34.96 -28.53
C GLU A 325 -3.30 -34.30 -29.42
N PHE A 326 -3.11 -33.02 -29.73
CA PHE A 326 -4.11 -32.29 -30.52
C PHE A 326 -3.71 -32.05 -31.93
N GLY A 327 -2.48 -32.32 -32.28
CA GLY A 327 -2.08 -32.18 -33.67
C GLY A 327 -2.30 -30.85 -34.33
N LYS A 328 -2.87 -30.87 -35.53
CA LYS A 328 -3.11 -29.63 -36.21
C LYS A 328 -4.29 -28.80 -35.61
N ARG A 329 -4.97 -29.30 -34.58
CA ARG A 329 -6.12 -28.59 -33.97
C ARG A 329 -5.61 -27.55 -33.00
N ILE A 330 -4.36 -27.69 -32.60
CA ILE A 330 -3.85 -26.66 -31.64
C ILE A 330 -3.09 -25.47 -32.27
N HIS A 331 -3.25 -24.31 -31.63
CA HIS A 331 -2.53 -23.13 -32.05
C HIS A 331 -1.69 -22.73 -30.82
N LEU A 332 -0.38 -22.60 -30.97
CA LEU A 332 0.50 -22.17 -29.83
C LEU A 332 0.61 -20.67 -30.05
N ASN A 333 0.13 -19.92 -29.05
CA ASN A 333 0.03 -18.46 -29.15
C ASN A 333 1.22 -17.78 -28.48
N SER A 334 2.18 -18.53 -27.97
CA SER A 334 3.38 -17.89 -27.38
C SER A 334 4.60 -18.23 -28.21
N ARG A 335 4.43 -18.51 -29.50
CA ARG A 335 5.55 -18.84 -30.37
C ARG A 335 5.80 -17.90 -31.51
N PHE A 336 6.04 -16.65 -31.15
CA PHE A 336 6.33 -15.61 -32.12
C PHE A 336 7.76 -15.71 -32.66
N PRO A 337 7.95 -15.40 -33.93
CA PRO A 337 9.25 -15.48 -34.59
C PRO A 337 10.21 -14.39 -34.26
N GLY A 338 11.44 -14.80 -33.93
CA GLY A 338 12.53 -13.91 -33.69
C GLY A 338 12.59 -13.14 -32.41
N VAL A 339 11.78 -13.54 -31.44
CA VAL A 339 11.80 -12.81 -30.20
C VAL A 339 11.97 -13.82 -29.07
N GLU A 340 12.39 -13.31 -27.92
CA GLU A 340 12.56 -14.17 -26.74
C GLU A 340 11.21 -14.20 -25.97
N ARG A 341 11.02 -15.24 -25.19
CA ARG A 341 9.83 -15.33 -24.37
C ARG A 341 10.17 -15.89 -22.99
N LEU A 342 9.28 -15.66 -22.03
CA LEU A 342 9.40 -16.21 -20.69
C LEU A 342 9.55 -17.73 -20.81
N PRO A 343 10.32 -18.31 -19.93
CA PRO A 343 10.51 -19.78 -20.01
C PRO A 343 9.31 -20.63 -19.54
N ASN A 344 8.32 -20.03 -18.91
CA ASN A 344 7.26 -20.84 -18.32
C ASN A 344 5.91 -20.71 -18.92
N THR A 345 5.80 -19.85 -19.90
CA THR A 345 4.49 -19.53 -20.42
C THR A 345 4.13 -20.20 -21.75
N CYS A 346 2.93 -20.81 -21.80
CA CYS A 346 2.41 -21.43 -23.00
C CYS A 346 0.92 -21.03 -23.10
N ASN A 347 0.64 -20.05 -23.98
CA ASN A 347 -0.74 -19.62 -24.25
C ASN A 347 -1.07 -20.47 -25.51
N PHE A 348 -2.23 -21.13 -25.50
CA PHE A 348 -2.59 -21.99 -26.65
C PHE A 348 -4.15 -21.92 -26.83
N SER A 349 -4.61 -22.37 -28.00
CA SER A 349 -6.06 -22.44 -28.32
C SER A 349 -6.24 -23.76 -29.09
N ILE A 350 -7.31 -24.49 -28.79
CA ILE A 350 -7.63 -25.66 -29.59
C ILE A 350 -8.82 -25.17 -30.42
N GLN A 351 -8.76 -25.40 -31.73
CA GLN A 351 -9.82 -24.90 -32.64
C GLN A 351 -11.18 -25.58 -32.42
N GLY A 352 -12.26 -24.82 -32.68
CA GLY A 352 -13.60 -25.37 -32.49
C GLY A 352 -14.57 -24.36 -31.94
N SER A 353 -15.84 -24.34 -32.35
CA SER A 353 -16.71 -23.35 -31.82
C SER A 353 -16.99 -23.61 -30.39
N GLN A 354 -16.83 -24.83 -29.89
CA GLN A 354 -17.19 -25.07 -28.53
C GLN A 354 -16.06 -24.96 -27.55
N LEU A 355 -14.89 -24.52 -28.02
CA LEU A 355 -13.76 -24.57 -27.13
C LEU A 355 -13.25 -23.19 -26.70
N ARG A 356 -14.19 -22.35 -26.32
CA ARG A 356 -13.81 -21.03 -25.81
C ARG A 356 -12.99 -21.32 -24.54
N GLY A 357 -11.96 -20.48 -24.28
CA GLY A 357 -11.17 -20.81 -23.12
C GLY A 357 -11.86 -21.08 -21.82
N TYR A 358 -12.85 -20.26 -21.47
CA TYR A 358 -13.53 -20.44 -20.20
C TYR A 358 -14.34 -21.70 -20.18
N MET A 359 -14.74 -22.13 -21.37
CA MET A 359 -15.54 -23.37 -21.45
C MET A 359 -14.62 -24.56 -21.25
N VAL A 360 -13.44 -24.52 -21.86
CA VAL A 360 -12.44 -25.63 -21.69
C VAL A 360 -12.04 -25.80 -20.24
N LEU A 361 -11.75 -24.66 -19.59
CA LEU A 361 -11.32 -24.74 -18.22
C LEU A 361 -12.41 -25.18 -17.27
N ALA A 362 -13.66 -24.77 -17.56
CA ALA A 362 -14.80 -25.20 -16.75
C ALA A 362 -14.96 -26.70 -16.77
N GLN A 363 -14.57 -27.35 -17.86
CA GLN A 363 -14.72 -28.80 -17.94
C GLN A 363 -13.50 -29.47 -17.37
N CYS A 364 -12.43 -28.72 -17.08
CA CYS A 364 -11.27 -29.39 -16.52
C CYS A 364 -11.41 -29.76 -15.08
N GLN A 365 -10.92 -30.93 -14.73
CA GLN A 365 -11.03 -31.47 -13.38
C GLN A 365 -9.75 -31.40 -12.57
N THR A 366 -8.62 -31.14 -13.22
CA THR A 366 -7.32 -31.20 -12.55
C THR A 366 -6.52 -29.89 -12.79
N LEU A 367 -6.55 -29.46 -14.02
CA LEU A 367 -5.83 -28.25 -14.36
C LEU A 367 -6.40 -26.95 -13.78
N LEU A 368 -5.48 -26.11 -13.26
CA LEU A 368 -5.86 -24.76 -12.79
C LEU A 368 -5.09 -23.78 -13.67
N ALA A 369 -5.76 -23.04 -14.51
CA ALA A 369 -5.08 -22.08 -15.39
C ALA A 369 -6.03 -20.92 -15.58
N SER A 370 -5.78 -20.07 -16.58
CA SER A 370 -6.67 -18.90 -16.74
C SER A 370 -6.78 -18.52 -18.19
N VAL A 371 -7.72 -17.65 -18.51
CA VAL A 371 -7.88 -17.25 -19.90
C VAL A 371 -7.19 -15.98 -20.18
N GLY A 372 -6.69 -15.39 -19.15
CA GLY A 372 -5.93 -14.23 -19.60
C GLY A 372 -5.37 -13.76 -18.32
N ALA A 373 -5.21 -12.43 -18.19
CA ALA A 373 -4.71 -12.01 -16.91
C ALA A 373 -5.79 -12.21 -15.83
N SER A 374 -5.32 -12.44 -14.60
CA SER A 374 -6.26 -12.66 -13.50
C SER A 374 -7.31 -11.57 -13.29
N CYS A 375 -6.87 -10.32 -13.38
CA CYS A 375 -7.77 -9.17 -13.24
C CYS A 375 -8.84 -9.07 -14.34
N HIS A 376 -8.65 -9.80 -15.48
CA HIS A 376 -9.67 -9.82 -16.57
C HIS A 376 -10.68 -10.98 -16.39
N SER A 377 -10.53 -11.69 -15.26
CA SER A 377 -11.43 -12.83 -14.99
C SER A 377 -12.94 -12.50 -15.10
N ASP A 378 -13.35 -11.23 -14.77
CA ASP A 378 -14.74 -10.66 -14.80
C ASP A 378 -15.28 -10.53 -16.29
N HIS A 379 -14.46 -10.84 -17.28
CA HIS A 379 -14.93 -10.81 -18.67
C HIS A 379 -14.27 -11.96 -19.47
N GLU A 380 -14.38 -13.19 -18.89
CA GLU A 380 -13.72 -14.36 -19.54
C GLU A 380 -14.17 -14.70 -20.94
N ASP A 381 -15.25 -14.04 -21.38
CA ASP A 381 -15.80 -14.22 -22.74
C ASP A 381 -15.42 -13.11 -23.76
N ARG A 382 -14.76 -11.99 -23.38
CA ARG A 382 -14.38 -11.11 -24.51
C ARG A 382 -12.97 -11.62 -24.88
N PRO A 383 -12.77 -12.01 -26.17
CA PRO A 383 -11.49 -12.51 -26.69
C PRO A 383 -10.45 -11.51 -26.24
N SER A 384 -9.34 -12.03 -25.77
CA SER A 384 -8.26 -11.14 -25.27
C SER A 384 -7.77 -10.00 -26.15
N PRO A 385 -7.92 -8.75 -25.68
CA PRO A 385 -7.46 -7.59 -26.44
C PRO A 385 -5.95 -7.67 -26.70
N VAL A 386 -5.22 -8.19 -25.70
CA VAL A 386 -3.78 -8.35 -25.87
C VAL A 386 -3.48 -9.35 -27.01
N LEU A 387 -4.15 -10.50 -27.02
CA LEU A 387 -3.84 -11.39 -28.14
C LEU A 387 -4.27 -10.77 -29.52
N LEU A 388 -5.42 -10.10 -29.60
CA LEU A 388 -5.83 -9.48 -30.84
C LEU A 388 -4.80 -8.43 -31.26
N SER A 389 -4.29 -7.65 -30.30
CA SER A 389 -3.23 -6.68 -30.64
C SER A 389 -1.98 -7.35 -31.22
N CYS A 390 -1.76 -8.57 -30.82
CA CYS A 390 -0.58 -9.30 -31.25
C CYS A 390 -0.77 -10.04 -32.54
N GLY A 391 -1.90 -9.82 -33.18
CA GLY A 391 -2.10 -10.42 -34.48
C GLY A 391 -2.77 -11.78 -34.49
N ILE A 392 -3.20 -12.23 -33.32
CA ILE A 392 -3.88 -13.55 -33.21
C ILE A 392 -5.33 -13.26 -33.69
N PRO A 393 -5.78 -14.00 -34.71
CA PRO A 393 -7.15 -13.79 -35.23
C PRO A 393 -8.21 -14.17 -34.22
N VAL A 394 -9.37 -13.53 -34.28
CA VAL A 394 -10.38 -13.71 -33.25
C VAL A 394 -10.82 -15.16 -32.96
N ASP A 395 -10.89 -16.00 -34.01
CA ASP A 395 -11.31 -17.38 -33.76
C ASP A 395 -10.32 -18.10 -32.86
N VAL A 396 -9.04 -17.77 -33.00
CA VAL A 396 -8.02 -18.36 -32.14
C VAL A 396 -8.00 -17.68 -30.78
N ALA A 397 -8.11 -16.34 -30.77
CA ALA A 397 -8.08 -15.61 -29.50
C ALA A 397 -9.24 -16.01 -28.57
N ARG A 398 -10.40 -16.24 -29.15
CA ARG A 398 -11.52 -16.59 -28.34
C ARG A 398 -11.32 -17.89 -27.59
N ASN A 399 -10.49 -18.77 -28.13
CA ASN A 399 -10.33 -20.06 -27.49
C ASN A 399 -9.00 -20.16 -26.68
N ALA A 400 -8.31 -19.01 -26.45
CA ALA A 400 -7.03 -19.06 -25.75
C ALA A 400 -7.10 -19.35 -24.27
N VAL A 401 -6.13 -20.11 -23.81
CA VAL A 401 -5.97 -20.49 -22.43
C VAL A 401 -4.48 -20.26 -22.19
N ARG A 402 -4.15 -19.63 -21.05
CA ARG A 402 -2.76 -19.36 -20.65
C ARG A 402 -2.32 -20.37 -19.59
N LEU A 403 -1.31 -21.18 -19.94
CA LEU A 403 -0.70 -22.09 -18.98
C LEU A 403 0.62 -21.43 -18.59
N SER A 404 0.92 -21.38 -17.30
CA SER A 404 2.20 -20.79 -16.88
C SER A 404 2.67 -21.71 -15.75
N VAL A 405 3.77 -22.36 -16.01
CA VAL A 405 4.32 -23.33 -15.04
C VAL A 405 5.24 -22.69 -14.02
N GLY A 406 5.60 -23.46 -13.02
CA GLY A 406 6.40 -22.86 -11.95
C GLY A 406 7.60 -23.67 -11.50
N ARG A 407 8.11 -23.35 -10.32
CA ARG A 407 9.33 -24.01 -9.85
C ARG A 407 9.16 -25.49 -9.56
N SER A 408 7.98 -25.87 -9.11
CA SER A 408 7.73 -27.26 -8.71
C SER A 408 7.03 -28.14 -9.76
N THR A 409 6.67 -27.55 -10.89
CA THR A 409 5.89 -28.31 -11.86
C THR A 409 6.71 -29.45 -12.48
N THR A 410 6.09 -30.63 -12.62
CA THR A 410 6.83 -31.71 -13.21
C THR A 410 6.23 -32.15 -14.54
N ARG A 411 7.06 -32.92 -15.24
CA ARG A 411 6.60 -33.50 -16.50
C ARG A 411 5.39 -34.43 -16.32
N ALA A 412 5.35 -35.15 -15.21
CA ALA A 412 4.18 -35.99 -14.92
C ALA A 412 2.88 -35.16 -14.76
N GLU A 413 2.98 -33.98 -14.11
CA GLU A 413 1.87 -33.09 -13.98
C GLU A 413 1.48 -32.56 -15.34
N VAL A 414 2.45 -32.29 -16.21
CA VAL A 414 2.08 -31.91 -17.54
C VAL A 414 1.21 -33.04 -18.20
N ASP A 415 1.60 -34.30 -18.02
CA ASP A 415 0.79 -35.34 -18.65
C ASP A 415 -0.58 -35.45 -18.09
N LEU A 416 -0.76 -35.18 -16.79
CA LEU A 416 -2.07 -35.22 -16.15
C LEU A 416 -2.96 -34.15 -16.79
N ILE A 417 -2.41 -32.93 -16.98
CA ILE A 417 -3.29 -31.92 -17.54
C ILE A 417 -3.49 -32.04 -19.04
N VAL A 418 -2.56 -32.68 -19.76
CA VAL A 418 -2.83 -32.87 -21.20
C VAL A 418 -4.02 -33.89 -21.29
N GLN A 419 -4.00 -34.90 -20.40
CA GLN A 419 -5.13 -35.82 -20.33
C GLN A 419 -6.42 -35.13 -19.92
N ASP A 420 -6.36 -34.24 -18.94
CA ASP A 420 -7.51 -33.46 -18.48
C ASP A 420 -8.08 -32.65 -19.68
N LEU A 421 -7.22 -32.01 -20.45
CA LEU A 421 -7.62 -31.19 -21.59
C LEU A 421 -8.28 -32.04 -22.66
N LYS A 422 -7.72 -33.23 -22.92
CA LYS A 422 -8.36 -34.13 -23.94
C LYS A 422 -9.81 -34.49 -23.50
N GLN A 423 -9.95 -34.87 -22.25
CA GLN A 423 -11.25 -35.19 -21.69
C GLN A 423 -12.24 -33.99 -21.79
N ALA A 424 -11.77 -32.80 -21.39
CA ALA A 424 -12.60 -31.60 -21.45
C ALA A 424 -13.05 -31.32 -22.85
N VAL A 425 -12.16 -31.50 -23.84
CA VAL A 425 -12.48 -31.16 -25.21
C VAL A 425 -13.56 -32.12 -25.70
N ASN A 426 -13.40 -33.35 -25.31
CA ASN A 426 -14.37 -34.37 -25.73
C ASN A 426 -15.70 -34.09 -25.13
N GLN A 427 -15.75 -33.73 -23.84
CA GLN A 427 -17.09 -33.39 -23.28
C GLN A 427 -17.80 -32.27 -24.06
N LEU A 428 -17.03 -31.24 -24.48
CA LEU A 428 -17.55 -30.06 -25.08
C LEU A 428 -18.04 -30.22 -26.47
N GLU A 429 -17.39 -31.12 -27.18
CA GLU A 429 -17.81 -31.42 -28.52
C GLU A 429 -18.76 -32.63 -28.72
N GLY A 430 -19.03 -33.40 -27.64
CA GLY A 430 -19.84 -34.63 -27.68
C GLY A 430 -21.32 -34.48 -27.66
N PRO A 431 -22.05 -35.61 -27.32
CA PRO A 431 -23.57 -35.60 -27.27
C PRO A 431 -24.13 -34.56 -26.28
N VAL A 432 -25.31 -34.04 -26.64
CA VAL A 432 -25.99 -32.95 -25.88
C VAL A 432 -26.87 -33.29 -24.65
N ARG B 18 13.94 -7.90 31.15
CA ARG B 18 12.78 -7.12 30.67
C ARG B 18 12.78 -5.54 30.56
N LYS B 19 12.38 -5.07 29.40
CA LYS B 19 12.18 -3.65 29.18
C LYS B 19 10.69 -3.59 29.54
N VAL B 20 10.10 -2.40 29.69
CA VAL B 20 8.67 -2.26 29.94
C VAL B 20 8.25 -1.31 28.79
N TYR B 21 7.41 -1.80 27.92
CA TYR B 21 6.97 -1.04 26.77
C TYR B 21 5.79 -0.18 27.13
N MET B 22 5.95 1.12 26.91
CA MET B 22 4.84 2.07 27.09
C MET B 22 4.76 3.01 25.88
N ASP B 23 4.81 2.42 24.68
CA ASP B 23 4.73 3.19 23.46
C ASP B 23 3.67 2.59 22.53
N TYR B 24 2.57 2.16 23.11
CA TYR B 24 1.54 1.55 22.25
C TYR B 24 0.86 2.55 21.30
N ASN B 25 0.97 3.85 21.55
CA ASN B 25 0.37 4.70 20.51
C ASN B 25 1.25 4.79 19.25
N ALA B 26 2.53 4.36 19.34
CA ALA B 26 3.48 4.38 18.21
C ALA B 26 3.23 3.13 17.37
N THR B 27 3.09 2.00 18.06
CA THR B 27 2.71 0.75 17.41
C THR B 27 2.41 -0.31 18.51
N THR B 28 1.72 -1.37 18.09
CA THR B 28 1.34 -2.44 19.02
C THR B 28 1.89 -3.76 18.51
N PRO B 29 2.17 -4.71 19.42
CA PRO B 29 2.66 -6.02 18.96
C PRO B 29 1.38 -6.70 18.38
N LEU B 30 1.55 -7.79 17.62
CA LEU B 30 0.36 -8.47 17.09
C LEU B 30 -0.18 -9.47 18.12
N GLU B 31 -1.50 -9.56 18.24
CA GLU B 31 -2.09 -10.55 19.14
C GLU B 31 -1.78 -11.90 18.50
N PRO B 32 -1.54 -12.92 19.34
CA PRO B 32 -1.22 -14.26 18.85
C PRO B 32 -2.32 -14.77 17.87
N GLU B 33 -3.58 -14.47 18.14
CA GLU B 33 -4.59 -14.94 17.18
C GLU B 33 -4.45 -14.25 15.82
N VAL B 34 -3.97 -13.01 15.84
CA VAL B 34 -3.75 -12.32 14.58
C VAL B 34 -2.58 -12.92 13.84
N ILE B 35 -1.51 -13.27 14.54
CA ILE B 35 -0.33 -13.87 13.89
C ILE B 35 -0.74 -15.21 13.25
N GLN B 36 -1.56 -15.93 14.00
CA GLN B 36 -2.04 -17.21 13.49
C GLN B 36 -2.89 -17.05 12.21
N ALA B 37 -3.77 -16.05 12.18
CA ALA B 37 -4.59 -15.85 11.01
C ALA B 37 -3.77 -15.47 9.79
N VAL B 38 -2.71 -14.65 9.99
CA VAL B 38 -1.87 -14.26 8.88
C VAL B 38 -1.12 -15.50 8.38
N THR B 39 -0.66 -16.29 9.33
CA THR B 39 0.13 -17.43 8.89
C THR B 39 -0.69 -18.45 8.11
N GLU B 40 -1.87 -18.75 8.67
CA GLU B 40 -2.81 -19.67 8.05
C GLU B 40 -3.13 -19.24 6.64
N ALA B 41 -3.37 -17.96 6.48
CA ALA B 41 -3.69 -17.43 5.16
C ALA B 41 -2.54 -17.51 4.17
N MET B 42 -1.32 -17.26 4.62
CA MET B 42 -0.17 -17.34 3.73
C MET B 42 -0.10 -18.75 3.13
N LYS B 43 -0.38 -19.73 3.98
CA LYS B 43 -0.24 -21.15 3.62
C LYS B 43 -1.39 -21.73 2.90
N GLU B 44 -2.56 -21.33 3.30
CA GLU B 44 -3.78 -21.93 2.76
C GLU B 44 -4.64 -21.15 1.82
N ALA B 45 -4.48 -19.83 1.82
CA ALA B 45 -5.28 -18.96 1.01
C ALA B 45 -4.44 -18.04 0.21
N TRP B 46 -3.52 -18.67 -0.52
CA TRP B 46 -2.52 -17.95 -1.30
C TRP B 46 -2.91 -17.62 -2.75
N GLY B 47 -4.07 -18.12 -3.20
CA GLY B 47 -4.45 -17.91 -4.57
C GLY B 47 -4.80 -16.48 -4.89
N ASN B 48 -4.72 -16.10 -6.15
CA ASN B 48 -5.11 -14.75 -6.54
C ASN B 48 -6.61 -14.66 -6.22
N PRO B 49 -7.02 -13.66 -5.42
CA PRO B 49 -8.46 -13.65 -5.15
C PRO B 49 -9.38 -13.40 -6.32
N SER B 50 -8.82 -13.00 -7.47
CA SER B 50 -9.63 -12.69 -8.65
C SER B 50 -9.82 -13.95 -9.50
N SER B 51 -9.02 -14.96 -9.22
CA SER B 51 -9.07 -16.20 -9.98
C SER B 51 -10.41 -16.92 -9.80
N SER B 52 -10.86 -17.48 -10.95
CA SER B 52 -12.14 -18.19 -11.08
C SER B 52 -12.27 -19.54 -10.31
N TYR B 53 -11.16 -20.26 -10.17
CA TYR B 53 -11.15 -21.57 -9.50
C TYR B 53 -11.20 -21.49 -7.97
N VAL B 54 -11.40 -22.64 -7.32
CA VAL B 54 -11.56 -22.61 -5.87
C VAL B 54 -10.48 -21.90 -5.04
N ALA B 55 -9.23 -22.08 -5.41
CA ALA B 55 -8.06 -21.45 -4.75
C ALA B 55 -8.37 -19.94 -4.72
N GLY B 56 -8.84 -19.37 -5.83
CA GLY B 56 -9.16 -17.94 -5.78
C GLY B 56 -10.34 -17.64 -4.88
N ARG B 57 -11.47 -18.30 -5.09
CA ARG B 57 -12.70 -18.05 -4.30
C ARG B 57 -12.38 -18.17 -2.78
N LYS B 58 -11.53 -19.11 -2.40
CA LYS B 58 -11.08 -19.28 -1.00
C LYS B 58 -10.51 -17.97 -0.42
N ALA B 59 -9.45 -17.43 -1.02
CA ALA B 59 -8.89 -16.15 -0.49
C ALA B 59 -9.98 -15.07 -0.49
N LYS B 60 -10.79 -15.02 -1.56
CA LYS B 60 -11.87 -14.01 -1.60
C LYS B 60 -12.80 -14.19 -0.35
N ASP B 61 -13.07 -15.43 0.07
CA ASP B 61 -13.89 -15.60 1.25
C ASP B 61 -13.27 -15.04 2.55
N ILE B 62 -11.96 -15.18 2.74
CA ILE B 62 -11.29 -14.66 3.89
C ILE B 62 -11.39 -13.10 3.80
N ILE B 63 -11.23 -12.57 2.61
CA ILE B 63 -11.34 -11.11 2.44
C ILE B 63 -12.75 -10.63 2.75
N ASN B 64 -13.78 -11.31 2.20
CA ASN B 64 -15.15 -10.90 2.56
C ASN B 64 -15.42 -10.97 4.08
N THR B 65 -14.91 -11.99 4.73
CA THR B 65 -15.12 -12.14 6.16
C THR B 65 -14.42 -11.01 6.90
N ALA B 66 -13.24 -10.65 6.44
CA ALA B 66 -12.55 -9.57 7.15
C ALA B 66 -13.25 -8.25 6.88
N ARG B 67 -13.82 -8.07 5.70
CA ARG B 67 -14.52 -6.83 5.41
C ARG B 67 -15.70 -6.69 6.41
N ALA B 68 -16.41 -7.80 6.66
CA ALA B 68 -17.52 -7.78 7.61
C ALA B 68 -17.03 -7.55 9.06
N SER B 69 -15.88 -8.09 9.38
CA SER B 69 -15.28 -7.91 10.72
C SER B 69 -14.98 -6.40 10.94
N LEU B 70 -14.40 -5.78 9.92
CA LEU B 70 -14.05 -4.38 10.08
C LEU B 70 -15.31 -3.55 10.27
N ALA B 71 -16.35 -3.85 9.48
CA ALA B 71 -17.63 -3.11 9.55
C ALA B 71 -18.31 -3.30 10.89
N LYS B 72 -18.23 -4.51 11.44
CA LYS B 72 -18.82 -4.74 12.73
C LYS B 72 -18.09 -3.93 13.80
N MET B 73 -16.76 -3.87 13.69
CA MET B 73 -15.97 -3.11 14.71
C MET B 73 -16.40 -1.69 14.80
N ILE B 74 -16.80 -1.07 13.70
CA ILE B 74 -17.16 0.32 13.74
C ILE B 74 -18.64 0.59 13.56
N GLY B 75 -19.46 -0.48 13.60
CA GLY B 75 -20.90 -0.27 13.45
C GLY B 75 -21.39 0.15 12.06
N GLY B 76 -20.61 -0.19 11.03
CA GLY B 76 -20.97 0.11 9.66
C GLY B 76 -21.41 -1.15 8.92
N LYS B 77 -21.49 -1.09 7.58
CA LYS B 77 -21.83 -2.22 6.72
C LYS B 77 -20.61 -2.66 5.93
N PRO B 78 -20.52 -3.96 5.57
CA PRO B 78 -19.35 -4.39 4.79
C PRO B 78 -19.03 -3.61 3.51
N GLN B 79 -20.03 -3.24 2.75
CA GLN B 79 -19.77 -2.60 1.51
C GLN B 79 -19.24 -1.19 1.76
N ASP B 80 -19.21 -0.77 3.01
CA ASP B 80 -18.70 0.62 3.27
C ASP B 80 -17.17 0.52 3.55
N ILE B 81 -16.58 -0.68 3.53
CA ILE B 81 -15.15 -0.82 3.85
C ILE B 81 -14.27 -1.02 2.61
N ILE B 82 -13.20 -0.22 2.49
CA ILE B 82 -12.26 -0.37 1.42
C ILE B 82 -10.91 -0.64 2.09
N PHE B 83 -10.24 -1.69 1.70
CA PHE B 83 -8.97 -2.02 2.27
C PHE B 83 -7.88 -1.17 1.67
N THR B 84 -6.91 -0.75 2.50
CA THR B 84 -5.79 0.00 1.97
C THR B 84 -4.49 -0.53 2.55
N SER B 85 -3.37 0.09 2.13
CA SER B 85 -2.06 -0.30 2.71
C SER B 85 -1.73 0.27 4.09
N GLY B 86 -2.59 1.14 4.63
CA GLY B 86 -2.36 1.67 5.97
C GLY B 86 -3.05 2.99 6.18
N GLY B 87 -2.83 3.60 7.35
CA GLY B 87 -3.56 4.84 7.59
C GLY B 87 -3.08 5.97 6.70
N THR B 88 -1.78 6.02 6.38
CA THR B 88 -1.31 7.09 5.50
C THR B 88 -2.03 7.05 4.15
N GLU B 89 -2.14 5.87 3.55
CA GLU B 89 -2.87 5.85 2.32
C GLU B 89 -4.34 6.24 2.53
N SER B 90 -4.98 5.71 3.56
CA SER B 90 -6.40 6.05 3.77
C SER B 90 -6.60 7.55 3.89
N ASN B 91 -5.74 8.17 4.65
CA ASN B 91 -5.89 9.65 4.83
C ASN B 91 -5.62 10.42 3.55
N ASN B 92 -4.53 10.04 2.84
CA ASN B 92 -4.30 10.70 1.57
C ASN B 92 -5.45 10.45 0.57
N LEU B 93 -6.04 9.26 0.64
CA LEU B 93 -7.11 8.93 -0.31
C LEU B 93 -8.36 9.83 -0.14
N VAL B 94 -8.71 10.10 1.11
CA VAL B 94 -9.92 10.92 1.35
C VAL B 94 -9.67 12.32 0.80
N ILE B 95 -8.50 12.83 1.10
CA ILE B 95 -8.12 14.14 0.59
C ILE B 95 -8.07 14.20 -0.92
N HIS B 96 -7.35 13.26 -1.55
CA HIS B 96 -7.32 13.20 -3.01
C HIS B 96 -8.72 13.08 -3.63
N SER B 97 -9.52 12.24 -3.06
CA SER B 97 -10.84 11.98 -3.60
C SER B 97 -11.71 13.24 -3.56
N THR B 98 -11.53 14.01 -2.48
CA THR B 98 -12.32 15.22 -2.25
C THR B 98 -11.96 16.26 -3.34
N VAL B 99 -10.69 16.35 -3.69
CA VAL B 99 -10.33 17.31 -4.74
C VAL B 99 -10.99 16.91 -6.07
N ARG B 100 -10.83 15.65 -6.45
CA ARG B 100 -11.40 15.17 -7.66
C ARG B 100 -12.93 15.39 -7.63
N CYS B 101 -13.59 15.10 -6.49
CA CYS B 101 -15.05 15.27 -6.43
C CYS B 101 -15.39 16.74 -6.71
N PHE B 102 -14.61 17.64 -6.14
CA PHE B 102 -14.90 19.05 -6.35
C PHE B 102 -14.76 19.30 -7.87
N HIS B 103 -13.65 18.87 -8.49
CA HIS B 103 -13.53 19.12 -9.94
C HIS B 103 -14.58 18.46 -10.83
N GLU B 104 -15.19 17.35 -10.40
CA GLU B 104 -16.25 16.78 -11.20
C GLU B 104 -17.59 17.45 -10.91
N GLN B 105 -17.73 18.24 -9.81
CA GLN B 105 -18.96 18.98 -9.54
C GLN B 105 -18.83 20.29 -10.38
N THR B 122 -11.54 28.90 -9.14
CA THR B 122 -12.21 28.43 -7.86
C THR B 122 -11.65 26.98 -7.56
N ARG B 123 -11.15 26.93 -6.35
CA ARG B 123 -10.47 25.84 -5.71
C ARG B 123 -11.25 25.21 -4.56
N PRO B 124 -11.06 23.89 -4.37
CA PRO B 124 -11.82 23.32 -3.24
C PRO B 124 -11.19 23.80 -1.94
N HIS B 125 -12.02 23.89 -0.89
CA HIS B 125 -11.54 24.32 0.42
C HIS B 125 -11.72 23.20 1.45
N PHE B 126 -10.73 23.05 2.33
CA PHE B 126 -10.75 22.07 3.40
C PHE B 126 -10.65 22.70 4.78
N ILE B 127 -11.25 22.04 5.77
CA ILE B 127 -11.14 22.49 7.14
C ILE B 127 -10.59 21.32 7.96
N THR B 128 -9.53 21.58 8.72
CA THR B 128 -8.97 20.61 9.59
C THR B 128 -8.48 21.32 10.83
N CYS B 129 -7.67 20.65 11.67
CA CYS B 129 -7.16 21.40 12.81
C CYS B 129 -5.67 21.32 12.86
N THR B 130 -5.08 22.03 13.79
CA THR B 130 -3.62 22.13 13.89
C THR B 130 -2.89 21.03 14.61
N VAL B 131 -3.56 19.96 15.02
CA VAL B 131 -2.77 18.91 15.72
C VAL B 131 -2.92 17.55 15.00
N GLU B 132 -3.32 17.59 13.74
CA GLU B 132 -3.50 16.34 12.95
C GLU B 132 -2.19 15.63 12.72
N HIS B 133 -2.30 14.34 12.43
CA HIS B 133 -1.13 13.55 12.11
C HIS B 133 -0.52 14.05 10.80
N ASP B 134 0.76 13.72 10.59
CA ASP B 134 1.45 14.14 9.41
C ASP B 134 0.71 13.73 8.11
N SER B 135 0.01 12.61 8.19
CA SER B 135 -0.66 12.11 6.98
C SER B 135 -1.96 12.81 6.62
N ILE B 136 -2.35 13.80 7.43
CA ILE B 136 -3.50 14.63 7.11
C ILE B 136 -2.89 16.05 6.91
N ARG B 137 -2.06 16.45 7.84
CA ARG B 137 -1.44 17.81 7.69
C ARG B 137 -0.59 18.02 6.41
N LEU B 138 0.36 17.12 6.12
CA LEU B 138 1.17 17.33 4.96
C LEU B 138 0.48 17.23 3.59
N PRO B 139 -0.46 16.31 3.40
CA PRO B 139 -1.07 16.35 2.08
C PRO B 139 -1.84 17.65 1.89
N LEU B 140 -2.43 18.16 2.98
CA LEU B 140 -3.15 19.45 2.87
C LEU B 140 -2.21 20.64 2.64
N GLU B 141 -1.09 20.66 3.35
CA GLU B 141 -0.09 21.72 3.14
C GLU B 141 0.38 21.60 1.71
N HIS B 142 0.63 20.37 1.22
CA HIS B 142 1.04 20.26 -0.15
C HIS B 142 0.03 20.82 -1.19
N LEU B 143 -1.26 20.62 -1.00
CA LEU B 143 -2.30 21.14 -1.89
C LEU B 143 -2.26 22.67 -1.91
N VAL B 144 -2.04 23.25 -0.73
CA VAL B 144 -1.90 24.70 -0.61
C VAL B 144 -0.67 25.23 -1.36
N GLU B 145 0.49 24.61 -1.14
CA GLU B 145 1.77 25.05 -1.79
C GLU B 145 1.58 24.99 -3.30
N ASP B 146 0.95 23.91 -3.79
CA ASP B 146 0.71 23.75 -5.21
C ASP B 146 -0.47 24.57 -5.76
N GLN B 147 -1.18 25.30 -4.91
CA GLN B 147 -2.29 26.17 -5.32
C GLN B 147 -3.51 25.40 -5.83
N VAL B 148 -3.65 24.13 -5.40
CA VAL B 148 -4.72 23.26 -5.78
C VAL B 148 -5.94 23.41 -4.92
N ALA B 149 -5.70 23.75 -3.66
CA ALA B 149 -6.84 23.90 -2.79
C ALA B 149 -6.49 24.95 -1.73
N GLU B 150 -7.53 25.37 -1.02
CA GLU B 150 -7.33 26.24 0.14
C GLU B 150 -7.67 25.45 1.40
N VAL B 151 -6.99 25.72 2.50
CA VAL B 151 -7.21 24.97 3.72
C VAL B 151 -7.19 25.86 4.95
N THR B 152 -8.15 25.69 5.86
CA THR B 152 -8.12 26.39 7.10
C THR B 152 -7.70 25.34 8.13
N PHE B 153 -6.56 25.61 8.75
CA PHE B 153 -6.05 24.76 9.82
C PHE B 153 -6.56 25.47 11.10
N VAL B 154 -7.73 25.05 11.56
CA VAL B 154 -8.31 25.68 12.74
C VAL B 154 -7.49 25.43 14.01
N PRO B 155 -7.08 26.51 14.71
CA PRO B 155 -6.33 26.13 15.90
C PRO B 155 -7.12 25.47 16.98
N VAL B 156 -6.47 24.58 17.74
CA VAL B 156 -7.12 24.02 18.91
C VAL B 156 -7.08 24.99 20.14
N SER B 157 -7.97 24.76 21.08
CA SER B 157 -8.04 25.61 22.27
C SER B 157 -6.82 25.43 23.05
N LYS B 158 -6.22 26.55 23.37
CA LYS B 158 -5.06 26.44 24.25
C LYS B 158 -5.49 26.14 25.73
N VAL B 159 -6.77 25.96 26.02
CA VAL B 159 -7.37 25.74 27.35
C VAL B 159 -7.66 24.25 27.57
N ASN B 160 -8.37 23.67 26.59
CA ASN B 160 -8.69 22.22 26.67
C ASN B 160 -8.07 21.29 25.58
N GLY B 161 -7.13 21.79 24.72
CA GLY B 161 -6.41 21.00 23.71
C GLY B 161 -7.36 20.41 22.67
N GLN B 162 -8.57 20.92 22.65
CA GLN B 162 -9.57 20.41 21.77
C GLN B 162 -9.92 21.40 20.75
N VAL B 163 -10.19 20.99 19.54
CA VAL B 163 -10.70 21.96 18.57
C VAL B 163 -12.15 22.29 19.02
N GLU B 164 -12.57 23.52 18.81
CA GLU B 164 -13.93 23.98 19.20
C GLU B 164 -14.88 23.88 18.00
N VAL B 165 -16.09 23.35 18.16
CA VAL B 165 -17.01 23.21 17.04
C VAL B 165 -17.31 24.55 16.36
N GLU B 166 -17.44 25.61 17.14
CA GLU B 166 -17.76 26.91 16.53
C GLU B 166 -16.73 27.42 15.55
N ASP B 167 -15.46 27.19 15.85
CA ASP B 167 -14.39 27.55 14.97
C ASP B 167 -14.47 26.80 13.63
N ILE B 168 -14.95 25.56 13.69
CA ILE B 168 -15.09 24.80 12.44
C ILE B 168 -16.23 25.31 11.57
N LEU B 169 -17.36 25.54 12.23
CA LEU B 169 -18.50 26.02 11.55
C LEU B 169 -18.25 27.42 10.97
N ALA B 170 -17.57 28.26 11.75
CA ALA B 170 -17.22 29.61 11.26
C ALA B 170 -16.27 29.60 10.03
N ALA B 171 -15.58 28.46 9.84
CA ALA B 171 -14.64 28.41 8.74
C ALA B 171 -15.24 27.96 7.43
N VAL B 172 -16.48 27.46 7.45
CA VAL B 172 -17.11 26.99 6.22
C VAL B 172 -17.34 28.15 5.23
N ARG B 173 -17.05 27.88 3.96
CA ARG B 173 -17.13 28.77 2.77
C ARG B 173 -17.94 28.13 1.72
N PRO B 174 -18.33 28.86 0.65
CA PRO B 174 -19.12 28.15 -0.36
C PRO B 174 -18.35 26.99 -1.04
N THR B 175 -17.05 27.09 -1.06
CA THR B 175 -16.24 26.06 -1.70
C THR B 175 -15.73 24.98 -0.70
N THR B 176 -16.13 25.07 0.57
CA THR B 176 -15.69 24.06 1.53
C THR B 176 -16.27 22.73 1.10
N CYS B 177 -15.40 21.71 0.99
CA CYS B 177 -15.85 20.37 0.58
C CYS B 177 -15.68 19.28 1.64
N LEU B 178 -14.77 19.48 2.58
CA LEU B 178 -14.51 18.45 3.56
C LEU B 178 -13.99 19.01 4.89
N VAL B 179 -14.50 18.48 6.00
CA VAL B 179 -13.98 18.79 7.33
C VAL B 179 -13.31 17.48 7.70
N THR B 180 -12.04 17.52 8.06
CA THR B 180 -11.33 16.34 8.52
C THR B 180 -10.67 16.69 9.89
N ILE B 181 -11.12 15.98 10.93
CA ILE B 181 -10.65 16.19 12.31
C ILE B 181 -10.43 14.84 12.97
N MET B 182 -9.27 14.64 13.53
CA MET B 182 -8.93 13.40 14.16
C MET B 182 -9.83 13.10 15.36
N LEU B 183 -10.19 11.85 15.52
CA LEU B 183 -11.06 11.45 16.62
C LEU B 183 -10.31 11.63 17.93
N ALA B 184 -9.05 11.19 17.96
CA ALA B 184 -8.25 11.32 19.16
C ALA B 184 -6.87 11.73 18.81
N ASN B 185 -6.32 12.61 19.64
CA ASN B 185 -4.95 13.06 19.34
C ASN B 185 -3.94 12.03 19.81
N ASN B 186 -2.92 11.82 18.98
CA ASN B 186 -1.95 10.78 19.28
C ASN B 186 -0.96 11.14 20.34
N GLU B 187 -0.66 12.42 20.49
CA GLU B 187 0.29 12.83 21.52
C GLU B 187 -0.34 13.15 22.88
N THR B 188 -1.54 13.76 22.87
CA THR B 188 -2.21 14.09 24.14
C THR B 188 -3.30 13.12 24.55
N GLY B 189 -3.86 12.41 23.59
CA GLY B 189 -4.96 11.51 23.91
C GLY B 189 -6.29 12.26 23.90
N VAL B 190 -6.29 13.58 23.71
CA VAL B 190 -7.62 14.32 23.73
C VAL B 190 -8.57 13.82 22.62
N ILE B 191 -9.82 13.61 23.04
CA ILE B 191 -10.90 13.23 22.11
C ILE B 191 -11.55 14.49 21.53
N MET B 192 -11.68 14.57 20.20
CA MET B 192 -12.32 15.73 19.56
C MET B 192 -13.83 15.46 19.48
N PRO B 193 -14.63 16.53 19.41
CA PRO B 193 -16.10 16.37 19.37
C PRO B 193 -16.68 16.06 18.01
N ILE B 194 -16.24 14.93 17.46
CA ILE B 194 -16.68 14.52 16.10
C ILE B 194 -18.20 14.47 15.89
N SER B 195 -18.87 13.86 16.84
CA SER B 195 -20.33 13.76 16.81
C SER B 195 -21.02 15.09 16.66
N GLU B 196 -20.60 16.07 17.46
CA GLU B 196 -21.18 17.40 17.40
C GLU B 196 -20.84 18.12 16.10
N ILE B 197 -19.61 17.94 15.64
CA ILE B 197 -19.24 18.52 14.40
C ILE B 197 -20.14 17.96 13.27
N SER B 198 -20.35 16.63 13.25
CA SER B 198 -21.10 16.05 12.15
C SER B 198 -22.55 16.57 12.20
N ARG B 199 -23.09 16.61 13.40
CA ARG B 199 -24.48 17.11 13.58
C ARG B 199 -24.65 18.57 13.07
N ARG B 200 -23.73 19.44 13.49
CA ARG B 200 -23.78 20.81 13.07
C ARG B 200 -23.50 20.97 11.63
N ILE B 201 -22.54 20.18 11.10
CA ILE B 201 -22.32 20.27 9.68
C ILE B 201 -23.56 19.70 8.93
N LYS B 202 -24.23 18.70 9.46
CA LYS B 202 -25.42 18.19 8.74
C LYS B 202 -26.48 19.35 8.60
N ALA B 203 -26.64 20.14 9.66
CA ALA B 203 -27.63 21.26 9.64
C ALA B 203 -27.27 22.30 8.58
N LEU B 204 -25.99 22.70 8.60
CA LEU B 204 -25.51 23.69 7.67
C LEU B 204 -25.77 23.17 6.29
N ASN B 205 -25.57 21.85 6.07
CA ASN B 205 -25.76 21.26 4.74
C ASN B 205 -27.18 21.46 4.25
N GLN B 206 -28.16 21.48 5.14
CA GLN B 206 -29.49 21.80 4.63
C GLN B 206 -29.60 23.18 4.01
N ILE B 207 -29.06 24.15 4.74
CA ILE B 207 -29.14 25.52 4.25
C ILE B 207 -28.27 25.59 3.01
N ARG B 208 -27.07 25.04 3.05
CA ARG B 208 -26.27 25.11 1.83
C ARG B 208 -27.02 24.70 0.53
N ALA B 209 -27.78 23.60 0.62
CA ALA B 209 -28.59 23.11 -0.50
C ALA B 209 -29.60 24.18 -0.88
N ALA B 210 -30.08 24.98 0.07
CA ALA B 210 -31.06 25.96 -0.30
C ALA B 210 -30.42 26.86 -1.39
N SER B 211 -29.14 27.22 -1.20
CA SER B 211 -28.46 28.03 -2.19
C SER B 211 -27.80 27.15 -3.27
N GLY B 212 -28.35 25.96 -3.50
CA GLY B 212 -27.74 25.06 -4.50
C GLY B 212 -26.25 24.65 -4.31
N LEU B 213 -25.71 24.91 -3.13
CA LEU B 213 -24.33 24.52 -2.76
C LEU B 213 -24.31 23.05 -2.32
N PRO B 214 -23.30 22.22 -2.76
CA PRO B 214 -23.27 20.81 -2.32
C PRO B 214 -22.84 20.65 -0.87
N ARG B 215 -22.91 19.41 -0.43
CA ARG B 215 -22.64 19.15 0.96
C ARG B 215 -21.18 19.19 1.37
N VAL B 216 -20.93 19.62 2.59
CA VAL B 216 -19.61 19.50 3.18
C VAL B 216 -19.58 18.11 3.82
N LEU B 217 -18.59 17.31 3.48
CA LEU B 217 -18.52 16.00 4.09
C LEU B 217 -17.61 16.02 5.32
N VAL B 218 -17.65 14.96 6.13
CA VAL B 218 -16.85 14.95 7.35
C VAL B 218 -16.09 13.64 7.41
N HIS B 219 -14.79 13.75 7.66
CA HIS B 219 -13.92 12.59 7.81
C HIS B 219 -13.28 12.64 9.19
N THR B 220 -13.04 11.50 9.83
CA THR B 220 -12.29 11.52 11.04
C THR B 220 -11.16 10.50 10.99
N ASP B 221 -9.95 10.92 11.39
CA ASP B 221 -8.85 9.96 11.42
C ASP B 221 -8.97 9.27 12.80
N ALA B 222 -9.41 8.01 12.79
CA ALA B 222 -9.67 7.31 14.05
C ALA B 222 -8.58 6.35 14.43
N ALA B 223 -7.40 6.61 13.87
CA ALA B 223 -6.29 5.73 14.17
C ALA B 223 -6.06 5.40 15.61
N GLN B 224 -6.14 6.40 16.47
CA GLN B 224 -5.84 6.18 17.86
C GLN B 224 -7.00 5.83 18.80
N ALA B 225 -8.22 5.82 18.27
CA ALA B 225 -9.40 5.52 19.03
C ALA B 225 -9.72 4.01 18.99
N LEU B 226 -9.40 3.37 17.87
CA LEU B 226 -9.77 1.97 17.71
C LEU B 226 -9.12 1.04 18.70
N GLY B 227 -10.00 0.27 19.37
CA GLY B 227 -9.55 -0.68 20.37
C GLY B 227 -9.30 -0.07 21.74
N LYS B 228 -9.48 1.24 21.81
CA LYS B 228 -9.30 1.98 23.07
C LYS B 228 -10.56 2.59 23.60
N ARG B 229 -11.52 2.84 22.72
CA ARG B 229 -12.81 3.33 23.09
C ARG B 229 -13.74 2.87 22.00
N ARG B 230 -15.01 2.76 22.32
CA ARG B 230 -15.86 2.34 21.25
C ARG B 230 -15.95 3.33 20.06
N VAL B 231 -15.97 2.80 18.85
CA VAL B 231 -16.11 3.65 17.67
C VAL B 231 -17.31 3.22 16.91
N ASP B 232 -18.24 4.17 16.76
CA ASP B 232 -19.45 3.81 16.04
C ASP B 232 -19.77 4.88 15.03
N VAL B 233 -19.79 4.49 13.76
CA VAL B 233 -20.06 5.47 12.74
C VAL B 233 -21.43 6.16 12.76
N GLU B 234 -22.44 5.52 13.32
CA GLU B 234 -23.74 6.20 13.31
C GLU B 234 -23.69 7.27 14.43
N ASP B 235 -23.03 6.92 15.54
CA ASP B 235 -22.90 7.86 16.68
C ASP B 235 -22.02 9.04 16.19
N LEU B 236 -20.91 8.74 15.48
CA LEU B 236 -20.06 9.85 14.99
C LEU B 236 -20.60 10.71 13.88
N GLY B 237 -21.42 10.11 13.01
CA GLY B 237 -22.06 10.85 11.98
C GLY B 237 -21.26 11.16 10.74
N VAL B 238 -20.05 10.62 10.65
CA VAL B 238 -19.13 10.87 9.58
C VAL B 238 -19.36 10.14 8.30
N ASP B 239 -18.83 10.72 7.27
CA ASP B 239 -18.91 10.16 5.93
C ASP B 239 -17.70 9.28 5.61
N PHE B 240 -16.53 9.60 6.18
CA PHE B 240 -15.28 8.81 5.98
C PHE B 240 -14.62 8.57 7.33
N LEU B 241 -13.90 7.44 7.49
CA LEU B 241 -13.19 7.20 8.76
C LEU B 241 -11.99 6.31 8.43
N THR B 242 -10.84 6.67 8.95
CA THR B 242 -9.58 5.98 8.75
C THR B 242 -9.31 4.94 9.85
N ILE B 243 -8.97 3.72 9.41
CA ILE B 243 -8.72 2.55 10.26
C ILE B 243 -7.24 2.16 10.07
N VAL B 244 -6.50 2.08 11.16
CA VAL B 244 -5.09 1.71 11.11
C VAL B 244 -4.78 0.46 11.92
N GLY B 245 -4.53 -0.63 11.22
CA GLY B 245 -4.31 -1.86 11.95
C GLY B 245 -3.27 -1.95 13.01
N HIS B 246 -2.11 -1.36 12.76
CA HIS B 246 -1.06 -1.53 13.75
C HIS B 246 -1.22 -0.74 15.04
N LYS B 247 -2.33 -0.04 15.16
CA LYS B 247 -2.67 0.65 16.41
C LYS B 247 -3.58 -0.24 17.29
N PHE B 248 -4.12 -1.32 16.72
CA PHE B 248 -4.96 -2.21 17.53
C PHE B 248 -4.56 -3.68 17.41
N TYR B 249 -3.23 -3.89 17.51
CA TYR B 249 -2.60 -5.19 17.56
C TYR B 249 -2.84 -5.97 16.27
N GLY B 250 -3.00 -5.24 15.19
CA GLY B 250 -3.20 -5.90 13.90
C GLY B 250 -2.05 -5.55 12.98
N PRO B 251 -1.99 -6.15 11.79
CA PRO B 251 -0.92 -5.89 10.81
C PRO B 251 -0.87 -4.48 10.29
N ARG B 252 0.25 -4.17 9.63
CA ARG B 252 0.51 -2.82 9.12
C ARG B 252 -0.24 -2.45 7.88
N ILE B 253 -1.51 -2.85 7.79
CA ILE B 253 -2.32 -2.38 6.69
C ILE B 253 -3.51 -1.61 7.30
N GLY B 254 -4.45 -1.12 6.48
CA GLY B 254 -5.56 -0.41 7.10
C GLY B 254 -6.77 -0.39 6.18
N ALA B 255 -7.70 0.51 6.43
CA ALA B 255 -8.85 0.61 5.53
C ALA B 255 -9.48 1.98 5.65
N LEU B 256 -10.45 2.22 4.81
CA LEU B 256 -11.19 3.43 4.84
C LEU B 256 -12.68 3.11 4.84
N TYR B 257 -13.38 3.60 5.84
CA TYR B 257 -14.85 3.52 5.84
C TYR B 257 -15.37 4.70 5.02
N VAL B 258 -16.30 4.43 4.12
CA VAL B 258 -16.91 5.43 3.28
C VAL B 258 -18.42 5.09 3.28
N ARG B 259 -19.21 5.94 3.93
CA ARG B 259 -20.61 5.80 4.10
C ARG B 259 -21.35 5.62 2.79
N GLY B 260 -21.91 4.43 2.64
CA GLY B 260 -22.64 4.09 1.42
C GLY B 260 -21.86 4.48 0.17
N VAL B 261 -20.61 3.99 0.09
CA VAL B 261 -19.73 4.36 -1.00
C VAL B 261 -20.31 4.10 -2.39
N GLY B 262 -20.20 5.14 -3.23
CA GLY B 262 -20.69 5.15 -4.61
C GLY B 262 -22.21 5.44 -4.70
N LYS B 263 -22.86 5.50 -3.54
CA LYS B 263 -24.27 5.82 -3.47
C LYS B 263 -24.64 7.11 -2.67
N LEU B 264 -24.16 7.16 -1.42
CA LEU B 264 -24.43 8.23 -0.49
C LEU B 264 -23.22 9.15 -0.46
N THR B 265 -22.02 8.55 -0.70
CA THR B 265 -20.78 9.26 -0.62
C THR B 265 -19.91 8.91 -1.78
N PRO B 266 -19.34 9.92 -2.46
CA PRO B 266 -18.48 9.73 -3.62
C PRO B 266 -17.07 9.39 -3.19
N LEU B 267 -16.48 8.47 -3.93
CA LEU B 267 -15.07 8.12 -3.68
C LEU B 267 -14.41 8.03 -5.05
N TYR B 268 -13.37 8.85 -5.29
CA TYR B 268 -12.60 8.88 -6.53
C TYR B 268 -11.20 8.28 -6.18
N PRO B 269 -10.77 7.28 -6.92
CA PRO B 269 -9.48 6.67 -6.64
C PRO B 269 -8.20 7.45 -6.92
N MET B 270 -7.17 7.07 -6.17
CA MET B 270 -5.80 7.53 -6.37
C MET B 270 -5.10 6.60 -7.35
N LEU B 271 -5.43 5.31 -7.24
CA LEU B 271 -4.77 4.29 -8.06
C LEU B 271 -5.64 3.73 -9.17
N PHE B 272 -5.01 3.35 -10.27
CA PHE B 272 -5.66 2.77 -11.43
C PHE B 272 -5.03 1.44 -11.80
N GLY B 273 -5.89 0.46 -12.04
CA GLY B 273 -5.39 -0.87 -12.35
C GLY B 273 -6.52 -1.85 -12.50
N GLY B 274 -6.27 -3.06 -12.02
CA GLY B 274 -7.11 -4.23 -12.13
C GLY B 274 -8.52 -4.37 -11.59
N GLY B 275 -9.17 -3.33 -11.06
CA GLY B 275 -10.55 -3.56 -10.60
C GLY B 275 -10.79 -4.05 -9.19
N GLN B 276 -9.74 -4.35 -8.44
CA GLN B 276 -9.94 -4.78 -7.08
C GLN B 276 -10.55 -3.68 -6.22
N GLU B 277 -11.18 -4.09 -5.14
CA GLU B 277 -11.86 -3.16 -4.24
C GLU B 277 -12.85 -2.29 -5.01
N ARG B 278 -13.55 -2.95 -5.97
CA ARG B 278 -14.57 -2.30 -6.80
C ARG B 278 -13.99 -1.09 -7.49
N ASN B 279 -12.74 -1.20 -7.89
CA ASN B 279 -11.98 -0.13 -8.53
C ASN B 279 -11.67 1.12 -7.68
N PHE B 280 -12.00 1.08 -6.41
CA PHE B 280 -11.69 2.22 -5.58
C PHE B 280 -10.22 2.12 -5.15
N ARG B 281 -9.70 0.89 -5.09
CA ARG B 281 -8.32 0.64 -4.65
C ARG B 281 -7.83 -0.65 -5.37
N PRO B 282 -7.36 -0.48 -6.62
CA PRO B 282 -6.91 -1.65 -7.38
C PRO B 282 -5.57 -2.20 -6.87
N GLY B 283 -5.30 -3.44 -7.29
CA GLY B 283 -4.10 -4.18 -6.93
C GLY B 283 -4.51 -5.50 -6.32
N THR B 284 -3.78 -6.55 -6.63
CA THR B 284 -4.08 -7.90 -6.06
C THR B 284 -4.13 -7.79 -4.53
N GLU B 285 -5.23 -8.29 -3.94
CA GLU B 285 -5.41 -8.11 -2.49
C GLU B 285 -4.39 -8.87 -1.68
N ASN B 286 -3.95 -8.24 -0.57
CA ASN B 286 -2.98 -8.88 0.29
C ASN B 286 -3.74 -9.71 1.33
N THR B 287 -4.16 -10.90 0.91
CA THR B 287 -5.02 -11.75 1.72
C THR B 287 -4.50 -12.00 3.13
N PRO B 288 -3.20 -12.33 3.27
CA PRO B 288 -2.78 -12.57 4.65
C PRO B 288 -2.89 -11.35 5.56
N MET B 289 -2.52 -10.19 5.04
CA MET B 289 -2.63 -9.02 5.91
C MET B 289 -4.11 -8.75 6.19
N ILE B 290 -4.96 -8.93 5.17
CA ILE B 290 -6.37 -8.67 5.40
C ILE B 290 -6.96 -9.66 6.48
N ALA B 291 -6.55 -10.95 6.44
CA ALA B 291 -7.04 -11.85 7.44
C ALA B 291 -6.63 -11.41 8.83
N GLY B 292 -5.37 -10.95 8.94
CA GLY B 292 -5.00 -10.51 10.26
C GLY B 292 -5.70 -9.25 10.73
N LEU B 293 -5.95 -8.31 9.82
CA LEU B 293 -6.67 -7.07 10.20
C LEU B 293 -8.08 -7.49 10.63
N GLY B 294 -8.66 -8.47 9.91
CA GLY B 294 -9.98 -8.92 10.30
C GLY B 294 -10.03 -9.56 11.67
N LYS B 295 -9.06 -10.40 11.99
CA LYS B 295 -9.04 -11.04 13.27
C LYS B 295 -8.82 -9.95 14.34
N ALA B 296 -7.95 -8.98 14.03
CA ALA B 296 -7.69 -7.92 15.02
C ALA B 296 -8.99 -7.13 15.29
N ALA B 297 -9.76 -6.87 14.24
CA ALA B 297 -11.02 -6.19 14.38
C ALA B 297 -12.02 -6.97 15.23
N ASP B 298 -12.04 -8.31 15.06
CA ASP B 298 -12.92 -9.19 15.82
C ASP B 298 -12.61 -9.06 17.29
N LEU B 299 -11.33 -9.06 17.64
CA LEU B 299 -10.95 -8.91 19.05
C LEU B 299 -11.45 -7.54 19.60
N VAL B 300 -11.34 -6.47 18.80
CA VAL B 300 -11.88 -5.21 19.27
C VAL B 300 -13.41 -5.32 19.44
N SER B 301 -14.11 -5.92 18.48
CA SER B 301 -15.57 -6.09 18.66
C SER B 301 -15.92 -6.85 19.89
N GLU B 302 -15.13 -7.88 20.20
CA GLU B 302 -15.46 -8.72 21.34
C GLU B 302 -15.07 -8.17 22.70
N ASN B 303 -13.95 -7.42 22.74
CA ASN B 303 -13.33 -7.01 23.95
C ASN B 303 -12.99 -5.54 24.21
N CYS B 304 -13.45 -4.64 23.35
CA CYS B 304 -13.09 -3.23 23.47
C CYS B 304 -13.27 -2.65 24.87
N GLU B 305 -14.41 -2.92 25.51
CA GLU B 305 -14.62 -2.31 26.83
C GLU B 305 -13.64 -2.84 27.86
N THR B 306 -13.24 -4.10 27.68
CA THR B 306 -12.30 -4.72 28.56
C THR B 306 -10.92 -4.03 28.41
N TYR B 307 -10.49 -3.89 27.15
CA TYR B 307 -9.23 -3.28 26.90
C TYR B 307 -9.26 -1.86 27.50
N GLU B 308 -10.34 -1.13 27.23
CA GLU B 308 -10.49 0.24 27.72
C GLU B 308 -10.35 0.37 29.24
N ALA B 309 -11.11 -0.45 29.96
CA ALA B 309 -11.13 -0.44 31.41
C ALA B 309 -9.72 -0.75 31.93
N HIS B 310 -9.05 -1.73 31.35
CA HIS B 310 -7.72 -2.08 31.81
C HIS B 310 -6.72 -0.93 31.56
N MET B 311 -6.80 -0.37 30.37
CA MET B 311 -5.90 0.76 30.04
C MET B 311 -6.12 1.93 31.04
N ARG B 312 -7.37 2.22 31.33
CA ARG B 312 -7.70 3.36 32.20
C ARG B 312 -7.18 3.14 33.60
N ASP B 313 -7.33 1.88 34.06
CA ASP B 313 -6.91 1.51 35.38
C ASP B 313 -5.40 1.65 35.55
N ILE B 314 -4.65 1.22 34.54
CA ILE B 314 -3.19 1.29 34.60
C ILE B 314 -2.74 2.73 34.41
N ARG B 315 -3.38 3.48 33.54
CA ARG B 315 -2.97 4.86 33.30
C ARG B 315 -3.27 5.74 34.51
N ASP B 316 -4.45 5.56 35.13
CA ASP B 316 -4.71 6.38 36.31
C ASP B 316 -3.78 6.01 37.43
N TYR B 317 -3.39 4.75 37.53
CA TYR B 317 -2.49 4.34 38.57
C TYR B 317 -1.12 5.00 38.31
N LEU B 318 -0.73 5.02 37.05
CA LEU B 318 0.53 5.63 36.63
C LEU B 318 0.58 7.12 37.03
N GLU B 319 -0.53 7.83 36.77
CA GLU B 319 -0.55 9.25 37.06
C GLU B 319 -0.50 9.49 38.54
N GLU B 320 -1.15 8.58 39.32
CA GLU B 320 -1.12 8.64 40.81
C GLU B 320 0.31 8.46 41.33
N ARG B 321 1.02 7.55 40.73
CA ARG B 321 2.39 7.22 41.13
C ARG B 321 3.38 8.32 40.73
N LEU B 322 3.18 8.89 39.57
CA LEU B 322 4.03 9.96 39.06
C LEU B 322 3.85 11.17 39.95
N GLU B 323 2.61 11.41 40.36
CA GLU B 323 2.39 12.59 41.23
C GLU B 323 2.92 12.23 42.57
N ALA B 324 2.76 10.99 43.02
CA ALA B 324 3.32 10.70 44.34
C ALA B 324 4.80 10.79 44.43
N GLU B 325 5.51 10.47 43.36
CA GLU B 325 6.98 10.51 43.32
C GLU B 325 7.54 11.91 42.98
N PHE B 326 6.89 12.65 42.09
CA PHE B 326 7.45 13.91 41.68
C PHE B 326 6.80 15.18 42.24
N GLY B 327 5.61 15.10 42.83
CA GLY B 327 5.00 16.27 43.44
C GLY B 327 4.82 17.43 42.50
N LYS B 328 5.02 18.66 42.98
CA LYS B 328 4.79 19.84 42.15
C LYS B 328 5.72 19.99 40.97
N ARG B 329 6.72 19.13 40.83
CA ARG B 329 7.65 19.17 39.67
C ARG B 329 7.08 18.53 38.44
N ILE B 330 5.99 17.78 38.57
CA ILE B 330 5.43 17.17 37.38
C ILE B 330 4.26 17.88 36.81
N HIS B 331 4.16 17.89 35.51
CA HIS B 331 3.04 18.44 34.89
C HIS B 331 2.44 17.32 34.00
N LEU B 332 1.13 17.07 34.10
CA LEU B 332 0.37 16.05 33.38
C LEU B 332 -0.27 16.75 32.20
N ASN B 333 0.36 16.54 31.07
CA ASN B 333 -0.02 17.21 29.85
C ASN B 333 -1.25 16.66 29.16
N SER B 334 -1.77 15.55 29.65
CA SER B 334 -2.95 15.00 28.98
C SER B 334 -4.24 15.30 29.76
N ARG B 335 -4.17 16.04 30.87
CA ARG B 335 -5.34 16.20 31.71
C ARG B 335 -5.97 17.53 31.51
N PHE B 336 -6.45 17.77 30.32
CA PHE B 336 -7.08 19.03 29.99
C PHE B 336 -8.43 18.98 30.69
N PRO B 337 -8.81 20.13 31.14
CA PRO B 337 -10.10 20.20 31.84
C PRO B 337 -11.39 19.90 31.01
N GLY B 338 -12.30 19.12 31.62
CA GLY B 338 -13.62 18.79 31.06
C GLY B 338 -13.69 18.14 29.64
N VAL B 339 -12.63 17.43 29.28
CA VAL B 339 -12.66 16.83 27.94
C VAL B 339 -12.29 15.43 28.18
N GLU B 340 -12.82 14.56 27.32
CA GLU B 340 -12.52 13.14 27.33
C GLU B 340 -11.14 12.97 26.67
N ARG B 341 -10.50 11.91 27.08
CA ARG B 341 -9.19 11.55 26.55
C ARG B 341 -9.05 10.01 26.46
N LEU B 342 -8.15 9.53 25.61
CA LEU B 342 -7.88 8.10 25.50
C LEU B 342 -7.62 7.55 26.86
N PRO B 343 -7.99 6.32 27.12
CA PRO B 343 -7.78 5.68 28.42
C PRO B 343 -6.37 5.31 28.76
N ASN B 344 -5.50 5.30 27.75
CA ASN B 344 -4.21 4.75 27.98
C ASN B 344 -3.07 5.71 27.93
N THR B 345 -3.37 6.98 27.68
CA THR B 345 -2.30 7.93 27.41
C THR B 345 -2.02 8.91 28.51
N CYS B 346 -0.72 9.03 28.80
CA CYS B 346 -0.26 9.99 29.85
C CYS B 346 1.00 10.68 29.33
N ASN B 347 0.81 11.90 28.84
CA ASN B 347 1.92 12.72 28.32
C ASN B 347 2.29 13.61 29.53
N PHE B 348 3.57 13.63 29.90
CA PHE B 348 3.95 14.37 31.09
C PHE B 348 5.27 15.05 30.95
N SER B 349 5.51 16.05 31.80
CA SER B 349 6.80 16.73 31.79
C SER B 349 7.34 16.93 33.21
N ILE B 350 8.65 16.80 33.44
CA ILE B 350 9.16 17.13 34.77
C ILE B 350 9.96 18.40 34.63
N GLN B 351 9.57 19.37 35.49
CA GLN B 351 10.26 20.70 35.57
C GLN B 351 11.77 20.54 35.78
N GLY B 352 12.53 21.26 34.98
CA GLY B 352 13.98 21.25 35.14
C GLY B 352 14.68 21.42 33.85
N SER B 353 15.67 22.26 33.80
CA SER B 353 16.35 22.47 32.54
C SER B 353 17.06 21.24 31.96
N GLN B 354 17.37 20.28 32.83
CA GLN B 354 18.17 19.15 32.33
C GLN B 354 17.26 18.01 32.00
N LEU B 355 15.97 18.22 32.05
CA LEU B 355 15.04 17.09 31.86
C LEU B 355 14.30 17.11 30.52
N ARG B 356 15.02 17.39 29.45
CA ARG B 356 14.40 17.41 28.11
C ARG B 356 13.96 15.96 27.91
N GLY B 357 12.82 15.81 27.25
CA GLY B 357 12.25 14.47 27.13
C GLY B 357 13.21 13.45 26.58
N TYR B 358 13.93 13.78 25.52
CA TYR B 358 14.74 12.74 24.94
C TYR B 358 15.96 12.35 25.81
N MET B 359 16.33 13.26 26.70
CA MET B 359 17.47 13.04 27.62
C MET B 359 16.98 12.17 28.77
N VAL B 360 15.76 12.41 29.25
CA VAL B 360 15.21 11.57 30.31
C VAL B 360 15.10 10.14 29.79
N LEU B 361 14.54 9.99 28.60
CA LEU B 361 14.43 8.61 28.13
C LEU B 361 15.78 7.93 27.85
N ALA B 362 16.78 8.69 27.39
CA ALA B 362 18.11 8.12 27.12
C ALA B 362 18.66 7.48 28.42
N GLN B 363 18.36 8.12 29.57
CA GLN B 363 18.89 7.67 30.87
C GLN B 363 18.12 6.51 31.49
N CYS B 364 16.91 6.26 31.00
CA CYS B 364 16.09 5.19 31.55
C CYS B 364 16.70 3.92 31.04
N GLN B 365 16.62 2.88 31.84
CA GLN B 365 17.21 1.57 31.55
C GLN B 365 16.14 0.57 31.26
N THR B 366 14.88 0.87 31.62
CA THR B 366 13.84 -0.15 31.44
C THR B 366 12.67 0.32 30.57
N LEU B 367 12.25 1.55 30.83
CA LEU B 367 11.10 2.12 30.14
C LEU B 367 11.32 2.35 28.65
N LEU B 368 10.32 2.03 27.83
CA LEU B 368 10.42 2.30 26.39
C LEU B 368 9.22 3.19 26.11
N ALA B 369 9.50 4.43 25.69
CA ALA B 369 8.44 5.38 25.44
C ALA B 369 8.89 6.32 24.36
N SER B 370 8.24 7.45 24.20
CA SER B 370 8.63 8.35 23.15
C SER B 370 8.38 9.81 23.57
N VAL B 371 8.91 10.76 22.81
CA VAL B 371 8.63 12.14 23.18
C VAL B 371 7.55 12.72 22.28
N GLY B 372 6.97 11.91 21.42
CA GLY B 372 5.96 12.54 20.56
C GLY B 372 5.67 11.51 19.56
N ALA B 373 5.26 11.93 18.38
CA ALA B 373 4.93 10.95 17.33
C ALA B 373 6.12 10.05 17.00
N SER B 374 5.97 8.72 16.81
CA SER B 374 7.18 7.95 16.43
C SER B 374 7.83 8.51 15.15
N CYS B 375 6.98 9.05 14.23
CA CYS B 375 7.48 9.54 12.96
C CYS B 375 8.19 10.88 13.15
N HIS B 376 8.16 11.39 14.39
CA HIS B 376 8.86 12.69 14.68
C HIS B 376 10.20 12.45 15.38
N SER B 377 10.56 11.17 15.43
CA SER B 377 11.74 10.76 16.11
C SER B 377 13.01 11.36 15.60
N ASP B 378 13.00 11.81 14.36
CA ASP B 378 14.16 12.52 13.85
C ASP B 378 14.38 13.95 14.42
N HIS B 379 13.38 14.62 15.03
CA HIS B 379 13.60 15.96 15.63
C HIS B 379 13.17 15.89 17.09
N GLU B 380 13.72 14.94 17.87
CA GLU B 380 13.25 14.85 19.27
C GLU B 380 13.78 15.93 20.19
N ASP B 381 14.90 16.57 19.76
CA ASP B 381 15.42 17.73 20.53
C ASP B 381 14.51 18.97 20.35
N ARG B 382 13.40 18.83 19.64
CA ARG B 382 12.53 20.00 19.54
C ARG B 382 11.21 19.83 20.25
N PRO B 383 10.71 20.94 20.87
CA PRO B 383 9.44 20.81 21.54
C PRO B 383 8.37 20.45 20.48
N SER B 384 7.53 19.50 20.86
CA SER B 384 6.43 19.01 20.00
C SER B 384 5.56 20.13 19.42
N PRO B 385 5.41 20.27 18.08
CA PRO B 385 4.52 21.40 17.69
C PRO B 385 3.07 21.19 18.12
N VAL B 386 2.69 19.93 18.29
CA VAL B 386 1.35 19.67 18.74
C VAL B 386 1.20 20.15 20.18
N LEU B 387 2.14 19.83 21.07
CA LEU B 387 1.97 20.32 22.44
C LEU B 387 1.95 21.88 22.45
N LEU B 388 2.81 22.48 21.62
CA LEU B 388 2.83 23.93 21.50
C LEU B 388 1.46 24.42 21.06
N SER B 389 0.90 23.76 20.07
CA SER B 389 -0.44 24.15 19.62
C SER B 389 -1.53 24.03 20.69
N CYS B 390 -1.31 23.14 21.65
CA CYS B 390 -2.25 22.95 22.71
C CYS B 390 -2.07 23.88 23.90
N GLY B 391 -1.24 24.90 23.68
CA GLY B 391 -1.00 25.88 24.79
C GLY B 391 -0.08 25.41 25.93
N ILE B 392 0.67 24.33 25.67
CA ILE B 392 1.66 23.86 26.67
C ILE B 392 2.88 24.77 26.45
N PRO B 393 3.38 25.40 27.53
CA PRO B 393 4.55 26.28 27.43
C PRO B 393 5.75 25.60 26.79
N VAL B 394 6.59 26.38 26.11
CA VAL B 394 7.75 25.81 25.46
C VAL B 394 8.66 25.00 26.43
N ASP B 395 8.91 25.55 27.60
CA ASP B 395 9.84 24.83 28.49
C ASP B 395 9.18 23.53 28.99
N VAL B 396 7.84 23.48 29.07
CA VAL B 396 7.15 22.28 29.51
C VAL B 396 7.15 21.30 28.33
N ALA B 397 6.84 21.78 27.13
CA ALA B 397 6.88 20.89 25.94
C ALA B 397 8.25 20.27 25.70
N ARG B 398 9.35 21.03 25.91
CA ARG B 398 10.68 20.45 25.68
C ARG B 398 10.93 19.24 26.55
N ASN B 399 10.26 19.17 27.69
CA ASN B 399 10.51 18.10 28.68
C ASN B 399 9.49 16.96 28.57
N ALA B 400 8.60 17.09 27.59
CA ALA B 400 7.53 16.09 27.44
C ALA B 400 7.90 14.68 27.06
N VAL B 401 7.30 13.73 27.76
CA VAL B 401 7.52 12.33 27.43
C VAL B 401 6.10 11.78 27.29
N ARG B 402 5.85 10.98 26.24
CA ARG B 402 4.52 10.39 26.09
C ARG B 402 4.56 8.91 26.57
N LEU B 403 3.75 8.57 27.57
CA LEU B 403 3.65 7.15 27.99
C LEU B 403 2.28 6.73 27.47
N SER B 404 2.22 5.60 26.76
CA SER B 404 0.92 5.09 26.27
C SER B 404 0.95 3.59 26.65
N VAL B 405 -0.02 3.20 27.47
CA VAL B 405 -0.07 1.81 27.97
C VAL B 405 -0.93 0.91 27.09
N GLY B 406 -0.86 -0.38 27.38
CA GLY B 406 -1.58 -1.31 26.51
C GLY B 406 -2.40 -2.35 27.22
N ARG B 407 -2.82 -3.36 26.44
CA ARG B 407 -3.65 -4.42 26.98
C ARG B 407 -2.99 -5.27 28.04
N SER B 408 -1.65 -5.41 27.99
CA SER B 408 -0.92 -6.28 28.95
C SER B 408 -0.22 -5.53 30.09
N THR B 409 -0.21 -4.21 30.00
CA THR B 409 0.52 -3.50 31.00
C THR B 409 0.01 -3.75 32.43
N THR B 410 0.95 -3.99 33.34
CA THR B 410 0.55 -4.21 34.74
C THR B 410 0.99 -3.06 35.69
N ARG B 411 0.40 -3.04 36.89
CA ARG B 411 0.77 -2.04 37.92
C ARG B 411 2.20 -2.31 38.34
N ALA B 412 2.67 -3.57 38.37
CA ALA B 412 4.07 -3.80 38.74
C ALA B 412 4.96 -3.15 37.69
N GLU B 413 4.53 -3.09 36.44
CA GLU B 413 5.37 -2.49 35.41
C GLU B 413 5.40 -0.96 35.56
N VAL B 414 4.26 -0.39 35.91
CA VAL B 414 4.18 1.05 36.18
C VAL B 414 5.19 1.40 37.28
N ASP B 415 5.20 0.60 38.34
CA ASP B 415 6.14 0.84 39.46
C ASP B 415 7.60 0.76 38.98
N LEU B 416 7.92 -0.19 38.12
CA LEU B 416 9.25 -0.29 37.67
C LEU B 416 9.68 0.95 36.87
N ILE B 417 8.83 1.45 35.97
CA ILE B 417 9.27 2.61 35.21
C ILE B 417 9.22 3.93 35.95
N VAL B 418 8.42 3.98 37.01
CA VAL B 418 8.42 5.19 37.83
C VAL B 418 9.78 5.22 38.54
N GLN B 419 10.26 4.07 39.02
CA GLN B 419 11.55 4.00 39.64
C GLN B 419 12.63 4.34 38.66
N ASP B 420 12.49 3.88 37.41
CA ASP B 420 13.46 4.17 36.40
C ASP B 420 13.51 5.68 36.15
N LEU B 421 12.34 6.33 36.04
CA LEU B 421 12.25 7.75 35.83
C LEU B 421 12.92 8.50 37.03
N LYS B 422 12.71 8.02 38.26
CA LYS B 422 13.37 8.66 39.42
C LYS B 422 14.92 8.65 39.27
N GLN B 423 15.51 7.52 38.92
CA GLN B 423 16.95 7.50 38.76
C GLN B 423 17.46 8.37 37.57
N ALA B 424 16.70 8.35 36.47
CA ALA B 424 17.06 9.18 35.33
C ALA B 424 17.01 10.67 35.73
N VAL B 425 15.94 11.08 36.39
CA VAL B 425 15.84 12.49 36.82
C VAL B 425 16.98 12.84 37.80
N ASN B 426 17.30 11.92 38.70
CA ASN B 426 18.46 12.17 39.60
C ASN B 426 19.73 12.35 38.83
N GLN B 427 19.94 11.53 37.81
CA GLN B 427 21.19 11.68 37.11
C GLN B 427 21.33 13.02 36.34
N LEU B 428 20.21 13.51 35.79
CA LEU B 428 20.26 14.71 34.98
C LEU B 428 20.10 16.00 35.81
N GLU B 429 19.00 16.11 36.50
CA GLU B 429 18.75 17.36 37.25
C GLU B 429 19.42 17.37 38.62
N GLY B 430 19.65 16.21 39.22
CA GLY B 430 20.17 16.16 40.56
C GLY B 430 19.05 16.35 41.55
N PRO B 431 19.32 16.24 42.84
CA PRO B 431 18.29 16.40 43.89
C PRO B 431 17.83 17.87 43.96
N VAL B 432 16.58 18.10 44.34
CA VAL B 432 16.10 19.50 44.54
C VAL B 432 15.44 19.54 45.91
N1 PLP C . 2.30 -5.69 -14.22
C2 PLP C . 2.22 -6.95 -14.71
C2A PLP C . 2.60 -7.14 -16.19
C3 PLP C . 1.79 -7.99 -13.88
O3 PLP C . 1.71 -9.23 -14.41
C4 PLP C . 1.44 -7.71 -12.55
C4A PLP C . 1.00 -8.79 -11.57
C5 PLP C . 1.52 -6.41 -12.11
C6 PLP C . 1.94 -5.40 -12.97
C5A PLP C . 1.12 -6.02 -10.71
O4P PLP C . -0.19 -6.28 -10.34
P PLP C . -0.70 -6.34 -8.90
O1P PLP C . -0.49 -4.85 -8.19
O2P PLP C . 0.13 -7.41 -8.11
O3P PLP C . -2.26 -6.74 -8.91
SE SLP D . -1.24 -9.21 -11.68
SE SLP D . -3.51 -9.39 -12.96
O1 SLP D . -1.71 -11.93 -15.96
O1 SLP D . -1.65 -11.88 -15.98
C2 SLP D . -1.68 -11.01 -12.36
C2 SLP D . -2.20 -10.84 -12.50
O2 SLP D . -2.65 -12.86 -14.19
O2 SLP D . -2.70 -12.90 -14.33
C6 SLP D . -1.67 -10.68 -13.83
C6 SLP D . -1.23 -11.09 -13.65
C7 SLP D . -2.06 -11.90 -14.69
C7 SLP D . -1.93 -12.02 -14.69
P PO4 E . -17.02 -27.07 -34.37
O1 PO4 E . -17.66 -27.66 -33.18
O2 PO4 E . -17.26 -25.63 -34.57
O3 PO4 E . -15.58 -27.33 -34.26
O4 PO4 E . -17.57 -27.79 -35.61
P PO4 F . 14.67 -30.28 -14.92
O1 PO4 F . 16.16 -30.48 -15.12
O2 PO4 F . 14.44 -29.69 -13.56
O3 PO4 F . 14.19 -29.32 -15.92
O4 PO4 F . 13.97 -31.57 -15.06
N1 PLP G . -3.18 9.07 12.06
C2 PLP G . -2.87 8.96 13.37
C2A PLP G . -3.47 9.97 14.36
C3 PLP G . -2.03 7.97 13.82
O3 PLP G . -1.73 7.91 15.12
C4 PLP G . -1.53 7.02 12.90
C4A PLP G . -0.64 5.85 13.33
C5 PLP G . -1.87 7.15 11.53
C6 PLP G . -2.70 8.18 11.13
C5A PLP G . -1.37 6.20 10.48
O4P PLP G . 0.03 6.28 10.27
P PLP G . 0.77 5.08 9.51
O1P PLP G . 0.39 3.74 10.23
O2P PLP G . 2.33 5.34 9.59
O3P PLP G . 0.34 5.09 8.04
SE SLP H . 1.80 6.38 13.28
SE SLP H . 3.58 8.18 13.64
O1 SLP H . 1.84 8.76 17.63
O1 SLP H . 2.03 8.96 17.36
C2 SLP H . 2.75 6.47 15.00
C2 SLP H . 2.92 6.64 14.73
O2 SLP H . 3.58 7.56 17.39
O2 SLP H . 3.59 7.50 17.45
C6 SLP H . 2.28 7.86 15.41
C6 SLP H . 1.90 7.05 15.82
C7 SLP H . 2.62 8.06 16.90
C7 SLP H . 2.58 7.87 16.93
#